data_7Q4C
#
_entry.id   7Q4C
#
_cell.length_a   1.00
_cell.length_b   1.00
_cell.length_c   1.00
_cell.angle_alpha   90.00
_cell.angle_beta   90.00
_cell.angle_gamma   90.00
#
_symmetry.space_group_name_H-M   'P 1'
#
loop_
_entity.id
_entity.type
_entity.pdbx_description
1 polymer 'Angiotensin-converting enzyme'
2 branched alpha-D-mannopyranose-(1-6)-beta-D-mannopyranose-(1-4)-2-acetamido-2-deoxy-beta-D-glucopyranose-(1-4)-2-acetamido-2-deoxy-beta-D-glucopyranose
3 branched 2-acetamido-2-deoxy-beta-D-glucopyranose-(1-4)-2-acetamido-2-deoxy-beta-D-glucopyranose
4 non-polymer 'CHLORIDE ION'
5 non-polymer 2-acetamido-2-deoxy-beta-D-glucopyranose
#
_entity_poly.entity_id   1
_entity_poly.type   'polypeptide(L)'
_entity_poly.pdbx_seq_one_letter_code
;LDPGLQPGNFSADEAGAQLFAQSYNSSAEQVLFQSVAASWAHDTNITAENARRQEEAALLSQEFAEAWGQKAKELYEPIW
QNFTDPQLRRIIGAVRTLGSANLPLAKRQQYNALLSNMSRIYSTAKVCLPNKTATCWSLDPDLTNILASSRSYAMLLFAW
EGWHNAAGIPLKPLYEDFTALSNEAYKQDGFTDTGAYWRSWYNSPTFEDDLEHLYQQLEPLYLNLHAFVRRALHRRYGDR
YINLRGPIPAHLLGDMWAQSWENIYDMVVPFPDKPNLDVTSTMLQQGWNATHMFRVAEEFFTSLELSPMPPEFWEGSMLE
KPADGREVVCHASAWDFYNRKDFRIKQCTRVTMDQLSTVHHEMGHIQYYLQYKDLPVSLRRGANPGFHEAIGDVLALSVS
TPEHLHKIGLLDRVTNDTESDINYLLKMALEKIAFLPFGYLVDQWRWGVFSGRTPPSRYNFDWWYLRTKYQGICPPVTRN
ETHFDAGAKFHVPNVTPYIRYFVSFVLQFQFHEALCKEAGYEGPLHQCDIYRSTKAGAKLRKVLQAGSSRPWQEVLKDMV
GLDALDAQPLLKYFQLVTQWLQEQNQQNGEVLGWPEYQWHPPLPDNYPEGIDLVTDEAEASKFVEEYDRTSQVVWNEYAE
ANWNYNTNITTETSKILLQKNMQIANHTLKYGTQARKFDVNQLQNTTIKRIIKKVQDLERAALPAQELEEYNKILLDMET
TYSVATVCHPNGSCLQLEPDLTNVMATSRKYEDLLWAWEGWRDKAGRAILQFYPKYVELINQAARLNGYVDAGDSWRSMY
ETPSLEQDLERLFQELQPLYLNLHAYVRRALHRHYGAQHINLEGPIPAHLLGNMWAQTWSNIYDLVVPFPSAPSMDTTEA
MLKQGWTPRRMFKEADDFFTSLGLLPVPPEFWNKSMLEKPTDGREVVCHASAWDFYNGKDFRIKQCTTVNLEDLVVAHHE
MGHIQYFMQYKDLPVALREGANPGFHEAIGDVLALSVSTPKHLHSLNLLSSEGGSDEHDINFLMKMALDKIAFIPFSYLV
DQWRWRVFDGSITKENYNQEWWSLRLKYQGLCPPVPRTQGDFDPGAKFHIPSSVPYIRYFVSFIIQFQFHEALCQAAGHT
GPLHKCDIYQSKEAGQRLATAMKLGFSRPWPEAMQLITGQPNMSASAMLSYFKPLLDWLRTENELHGEKLGWPQYNWTPN
SARSEGPLPDS
;
_entity_poly.pdbx_strand_id   A
#
loop_
_chem_comp.id
_chem_comp.type
_chem_comp.name
_chem_comp.formula
BMA D-saccharide, beta linking beta-D-mannopyranose 'C6 H12 O6'
CL non-polymer 'CHLORIDE ION' 'Cl -1'
MAN D-saccharide, alpha linking alpha-D-mannopyranose 'C6 H12 O6'
NAG D-saccharide, beta linking 2-acetamido-2-deoxy-beta-D-glucopyranose 'C8 H15 N O6'
#
# COMPACT_ATOMS: atom_id res chain seq x y z
N GLU A 617 -33.99 -1.98 -21.58
CA GLU A 617 -32.78 -1.21 -21.31
C GLU A 617 -33.12 0.12 -20.67
N ALA A 618 -34.30 0.64 -21.00
CA ALA A 618 -34.75 1.86 -20.35
C ALA A 618 -34.96 1.62 -18.86
N GLU A 619 -35.42 0.43 -18.47
CA GLU A 619 -35.52 0.12 -17.05
C GLU A 619 -34.12 0.07 -16.45
N ALA A 620 -33.16 -0.48 -17.19
CA ALA A 620 -31.79 -0.47 -16.72
C ALA A 620 -31.33 0.95 -16.48
N SER A 621 -31.71 1.87 -17.35
CA SER A 621 -31.41 3.27 -17.11
C SER A 621 -32.00 3.71 -15.78
N LYS A 622 -33.29 3.43 -15.56
CA LYS A 622 -33.91 3.84 -14.31
C LYS A 622 -33.23 3.16 -13.13
N PHE A 623 -32.90 1.89 -13.28
CA PHE A 623 -32.30 1.15 -12.17
C PHE A 623 -31.07 1.87 -11.64
N VAL A 624 -30.19 2.30 -12.53
CA VAL A 624 -28.99 2.97 -12.08
C VAL A 624 -29.35 4.25 -11.34
N GLU A 625 -30.41 4.92 -11.76
CA GLU A 625 -30.83 6.12 -11.06
C GLU A 625 -31.21 5.81 -9.61
N GLU A 626 -32.11 4.85 -9.41
CA GLU A 626 -32.51 4.54 -8.05
C GLU A 626 -31.34 4.00 -7.24
N TYR A 627 -30.45 3.25 -7.89
CA TYR A 627 -29.32 2.69 -7.16
C TYR A 627 -28.51 3.82 -6.54
N ASP A 628 -28.18 4.83 -7.34
CA ASP A 628 -27.45 5.97 -6.80
C ASP A 628 -28.25 6.63 -5.69
N ARG A 629 -29.51 6.93 -5.95
CA ARG A 629 -30.31 7.68 -4.98
C ARG A 629 -30.38 6.94 -3.66
N THR A 630 -30.54 5.62 -3.69
CA THR A 630 -30.57 4.87 -2.44
C THR A 630 -29.18 4.64 -1.88
N SER A 631 -28.22 4.28 -2.74
CA SER A 631 -26.90 3.93 -2.23
C SER A 631 -26.20 5.11 -1.56
N GLN A 632 -26.36 6.31 -2.10
CA GLN A 632 -25.75 7.47 -1.45
C GLN A 632 -26.18 7.56 0.00
N VAL A 633 -27.47 7.37 0.25
CA VAL A 633 -27.97 7.44 1.62
C VAL A 633 -27.44 6.29 2.45
N VAL A 634 -27.28 5.10 1.87
CA VAL A 634 -26.82 3.97 2.66
C VAL A 634 -25.34 4.09 2.98
N TRP A 635 -24.50 4.39 1.99
CA TRP A 635 -23.08 4.54 2.29
C TRP A 635 -22.81 5.77 3.13
N ASN A 636 -23.49 6.88 2.85
CA ASN A 636 -23.26 8.06 3.68
C ASN A 636 -23.61 7.74 5.12
N GLU A 637 -24.73 7.05 5.33
CA GLU A 637 -25.06 6.58 6.66
C GLU A 637 -23.92 5.74 7.19
N TYR A 638 -23.47 4.76 6.40
CA TYR A 638 -22.39 3.90 6.85
C TYR A 638 -21.17 4.73 7.19
N ALA A 639 -20.79 5.64 6.29
CA ALA A 639 -19.62 6.45 6.55
C ALA A 639 -19.81 7.30 7.80
N GLU A 640 -21.01 7.84 7.98
CA GLU A 640 -21.25 8.72 9.12
C GLU A 640 -20.93 8.01 10.42
N ALA A 641 -21.45 6.81 10.60
CA ALA A 641 -21.06 6.03 11.77
C ALA A 641 -19.60 5.62 11.68
N ASN A 642 -19.18 5.16 10.50
CA ASN A 642 -17.83 4.62 10.37
C ASN A 642 -16.80 5.66 10.74
N TRP A 643 -17.03 6.91 10.34
CA TRP A 643 -16.16 7.98 10.78
C TRP A 643 -16.31 8.20 12.27
N ASN A 644 -17.56 8.28 12.73
CA ASN A 644 -17.81 8.64 14.12
C ASN A 644 -17.14 7.66 15.07
N TYR A 645 -17.13 6.37 14.72
CA TYR A 645 -16.48 5.39 15.59
C TYR A 645 -14.97 5.44 15.46
N ASN A 646 -14.44 5.56 14.25
CA ASN A 646 -12.99 5.58 14.09
C ASN A 646 -12.38 6.71 14.89
N THR A 647 -13.12 7.80 15.08
CA THR A 647 -12.65 8.86 15.95
C THR A 647 -13.15 8.72 17.38
N ASN A 648 -14.36 8.17 17.58
CA ASN A 648 -14.96 8.02 18.91
C ASN A 648 -15.21 6.53 19.14
N ILE A 649 -14.19 5.86 19.69
CA ILE A 649 -14.18 4.44 19.99
C ILE A 649 -15.24 4.00 21.00
N THR A 650 -15.97 4.93 21.62
CA THR A 650 -16.95 4.57 22.64
C THR A 650 -17.79 3.37 22.22
N THR A 651 -17.89 2.39 23.12
CA THR A 651 -18.39 1.08 22.76
C THR A 651 -19.76 1.14 22.09
N GLU A 652 -20.63 2.02 22.56
CA GLU A 652 -21.95 2.09 21.94
C GLU A 652 -21.87 2.53 20.49
N THR A 653 -20.91 3.38 20.15
CA THR A 653 -20.77 3.74 18.74
C THR A 653 -20.55 2.49 17.91
N SER A 654 -19.86 1.49 18.45
CA SER A 654 -19.68 0.24 17.71
C SER A 654 -21.02 -0.43 17.47
N LYS A 655 -21.88 -0.47 18.49
CA LYS A 655 -23.20 -1.06 18.30
C LYS A 655 -23.94 -0.33 17.20
N ILE A 656 -23.90 0.99 17.21
CA ILE A 656 -24.56 1.75 16.17
C ILE A 656 -23.97 1.36 14.82
N LEU A 657 -22.65 1.26 14.76
CA LEU A 657 -22.00 0.90 13.51
C LEU A 657 -22.48 -0.46 13.01
N LEU A 658 -22.56 -1.45 13.91
CA LEU A 658 -22.93 -2.78 13.48
C LEU A 658 -24.32 -2.84 12.86
N GLN A 659 -25.29 -2.13 13.44
CA GLN A 659 -26.60 -2.09 12.79
C GLN A 659 -26.48 -1.48 11.40
N LYS A 660 -25.75 -0.38 11.27
CA LYS A 660 -25.55 0.18 9.94
C LYS A 660 -24.94 -0.86 9.03
N ASN A 661 -24.09 -1.72 9.60
CA ASN A 661 -23.51 -2.80 8.83
C ASN A 661 -24.60 -3.72 8.30
N MET A 662 -25.65 -3.95 9.10
CA MET A 662 -26.77 -4.74 8.60
C MET A 662 -27.41 -4.04 7.39
N GLN A 663 -27.58 -2.71 7.47
CA GLN A 663 -28.24 -2.03 6.38
C GLN A 663 -27.45 -2.19 5.09
N ILE A 664 -26.15 -1.93 5.13
CA ILE A 664 -25.37 -2.13 3.92
C ILE A 664 -25.48 -3.57 3.48
N ALA A 665 -25.59 -4.50 4.44
CA ALA A 665 -25.81 -5.89 4.07
C ALA A 665 -27.15 -6.01 3.36
N ASN A 666 -28.21 -5.43 3.95
CA ASN A 666 -29.50 -5.44 3.29
C ASN A 666 -29.37 -4.82 1.90
N HIS A 667 -28.75 -3.65 1.83
CA HIS A 667 -28.68 -2.91 0.58
C HIS A 667 -27.85 -3.66 -0.45
N THR A 668 -26.63 -4.06 -0.07
CA THR A 668 -25.77 -4.74 -1.02
C THR A 668 -26.48 -5.93 -1.65
N LEU A 669 -27.11 -6.75 -0.81
CA LEU A 669 -27.77 -7.94 -1.31
C LEU A 669 -29.02 -7.60 -2.11
N LYS A 670 -29.82 -6.64 -1.63
CA LYS A 670 -31.08 -6.35 -2.31
C LYS A 670 -30.83 -5.94 -3.75
N TYR A 671 -30.05 -4.88 -3.96
CA TYR A 671 -29.83 -4.39 -5.31
C TYR A 671 -28.88 -5.29 -6.08
N GLY A 672 -28.05 -6.06 -5.39
CA GLY A 672 -27.19 -6.99 -6.09
C GLY A 672 -27.97 -8.11 -6.74
N THR A 673 -28.93 -8.69 -6.03
CA THR A 673 -29.73 -9.74 -6.62
C THR A 673 -30.49 -9.21 -7.82
N GLN A 674 -31.01 -7.99 -7.73
CA GLN A 674 -31.69 -7.41 -8.88
C GLN A 674 -30.71 -7.21 -10.02
N ALA A 675 -29.52 -6.72 -9.71
CA ALA A 675 -28.54 -6.47 -10.76
C ALA A 675 -28.24 -7.73 -11.55
N ARG A 676 -28.24 -8.88 -10.90
CA ARG A 676 -27.93 -10.10 -11.64
C ARG A 676 -29.02 -10.47 -12.63
N LYS A 677 -30.17 -9.82 -12.58
CA LYS A 677 -31.22 -10.16 -13.53
C LYS A 677 -31.01 -9.48 -14.88
N PHE A 678 -30.26 -8.37 -14.93
CA PHE A 678 -29.93 -7.76 -16.20
C PHE A 678 -28.82 -8.55 -16.88
N ASP A 679 -28.93 -8.70 -18.19
CA ASP A 679 -27.88 -9.32 -18.98
C ASP A 679 -27.04 -8.19 -19.56
N VAL A 680 -25.84 -8.02 -19.00
CA VAL A 680 -24.97 -6.90 -19.38
C VAL A 680 -24.44 -7.02 -20.81
N ASN A 681 -24.19 -8.23 -21.30
CA ASN A 681 -23.49 -8.35 -22.57
C ASN A 681 -24.26 -7.75 -23.75
N GLN A 682 -25.56 -7.49 -23.62
CA GLN A 682 -26.31 -6.86 -24.70
C GLN A 682 -26.41 -5.35 -24.58
N LEU A 683 -25.83 -4.74 -23.56
CA LEU A 683 -26.04 -3.31 -23.35
C LEU A 683 -25.04 -2.50 -24.16
N GLN A 684 -25.42 -1.26 -24.49
CA GLN A 684 -24.56 -0.40 -25.27
C GLN A 684 -24.28 0.98 -24.65
N ASN A 685 -25.03 1.43 -23.65
CA ASN A 685 -24.58 2.58 -22.87
C ASN A 685 -23.39 2.12 -22.03
N THR A 686 -22.21 2.67 -22.32
CA THR A 686 -21.01 2.15 -21.69
C THR A 686 -21.00 2.39 -20.19
N THR A 687 -21.53 3.51 -19.74
CA THR A 687 -21.54 3.78 -18.31
C THR A 687 -22.38 2.74 -17.58
N ILE A 688 -23.61 2.51 -18.04
CA ILE A 688 -24.46 1.52 -17.37
C ILE A 688 -23.79 0.15 -17.39
N LYS A 689 -23.09 -0.17 -18.48
CA LYS A 689 -22.46 -1.47 -18.59
C LYS A 689 -21.50 -1.70 -17.44
N ARG A 690 -20.56 -0.79 -17.23
CA ARG A 690 -19.62 -0.95 -16.14
C ARG A 690 -20.32 -0.85 -14.78
N ILE A 691 -21.33 0.01 -14.67
CA ILE A 691 -22.03 0.13 -13.39
C ILE A 691 -22.64 -1.20 -12.99
N ILE A 692 -23.42 -1.80 -13.89
CA ILE A 692 -24.10 -3.04 -13.53
C ILE A 692 -23.10 -4.16 -13.31
N LYS A 693 -22.09 -4.26 -14.18
CA LYS A 693 -21.11 -5.33 -14.03
C LYS A 693 -20.47 -5.27 -12.65
N LYS A 694 -20.14 -4.07 -12.18
CA LYS A 694 -19.60 -3.94 -10.84
C LYS A 694 -20.60 -4.45 -9.82
N VAL A 695 -21.82 -3.91 -9.82
CA VAL A 695 -22.78 -4.22 -8.78
C VAL A 695 -23.15 -5.70 -8.77
N GLN A 696 -23.06 -6.37 -9.90
CA GLN A 696 -23.47 -7.77 -9.93
C GLN A 696 -22.60 -8.65 -9.04
N ASP A 697 -21.40 -8.19 -8.68
CA ASP A 697 -20.57 -8.97 -7.77
C ASP A 697 -21.21 -8.97 -6.39
N LEU A 698 -21.70 -10.13 -5.97
CA LEU A 698 -22.30 -10.28 -4.65
C LEU A 698 -21.27 -10.70 -3.60
N GLU A 699 -20.03 -11.00 -4.01
CA GLU A 699 -18.94 -11.36 -3.11
C GLU A 699 -19.46 -12.37 -2.09
N ARG A 700 -19.30 -12.12 -0.80
CA ARG A 700 -19.72 -13.10 0.21
C ARG A 700 -21.16 -13.48 0.06
N ALA A 701 -21.99 -12.56 -0.43
CA ALA A 701 -23.42 -12.82 -0.46
C ALA A 701 -23.82 -13.87 -1.50
N ALA A 702 -22.95 -14.22 -2.44
CA ALA A 702 -23.31 -15.31 -3.34
C ALA A 702 -23.27 -16.64 -2.62
N LEU A 703 -22.56 -16.72 -1.51
CA LEU A 703 -22.49 -17.95 -0.76
C LEU A 703 -23.85 -18.28 -0.14
N PRO A 704 -24.17 -19.55 0.02
CA PRO A 704 -25.39 -19.89 0.76
C PRO A 704 -25.32 -19.28 2.15
N ALA A 705 -26.49 -18.93 2.69
CA ALA A 705 -26.52 -18.32 4.00
C ALA A 705 -25.76 -19.16 5.01
N GLN A 706 -25.94 -20.48 4.96
CA GLN A 706 -25.24 -21.35 5.89
C GLN A 706 -23.74 -21.20 5.77
N GLU A 707 -23.21 -21.22 4.54
CA GLU A 707 -21.78 -21.05 4.37
C GLU A 707 -21.37 -19.59 4.57
N LEU A 708 -22.22 -18.65 4.16
CA LEU A 708 -21.93 -17.26 4.47
C LEU A 708 -21.82 -17.11 5.98
N GLU A 709 -22.75 -17.71 6.71
CA GLU A 709 -22.65 -17.72 8.16
C GLU A 709 -21.35 -18.40 8.57
N GLU A 710 -21.05 -19.53 7.93
CA GLU A 710 -19.82 -20.24 8.23
C GLU A 710 -18.61 -19.40 7.85
N TYR A 711 -18.71 -18.66 6.74
CA TYR A 711 -17.59 -17.85 6.28
C TYR A 711 -17.25 -16.72 7.24
N ASN A 712 -18.27 -15.95 7.66
CA ASN A 712 -18.02 -14.88 8.61
C ASN A 712 -17.47 -15.46 9.91
N LYS A 713 -18.02 -16.60 10.32
CA LYS A 713 -17.55 -17.28 11.53
C LYS A 713 -16.06 -17.52 11.44
N ILE A 714 -15.60 -18.05 10.31
CA ILE A 714 -14.18 -18.32 10.16
C ILE A 714 -13.37 -17.03 10.13
N LEU A 715 -13.82 -16.02 9.37
CA LEU A 715 -13.05 -14.78 9.30
C LEU A 715 -12.76 -14.22 10.70
N LEU A 716 -13.78 -14.13 11.54
CA LEU A 716 -13.55 -13.55 12.85
C LEU A 716 -12.62 -14.42 13.67
N ASP A 717 -12.70 -15.74 13.51
CA ASP A 717 -11.79 -16.59 14.26
C ASP A 717 -10.35 -16.34 13.84
N MET A 718 -10.12 -16.18 12.53
CA MET A 718 -8.78 -15.83 12.08
C MET A 718 -8.43 -14.44 12.58
N GLU A 719 -9.28 -13.47 12.31
CA GLU A 719 -9.02 -12.10 12.71
C GLU A 719 -8.77 -11.99 14.21
N THR A 720 -9.57 -12.72 15.00
CA THR A 720 -9.37 -12.69 16.45
C THR A 720 -8.03 -13.30 16.82
N THR A 721 -7.71 -14.48 16.26
CA THR A 721 -6.46 -15.14 16.59
C THR A 721 -5.28 -14.21 16.41
N TYR A 722 -5.17 -13.63 15.21
CA TYR A 722 -4.11 -12.67 14.95
C TYR A 722 -4.23 -11.47 15.88
N SER A 723 -5.45 -10.99 16.10
CA SER A 723 -5.66 -9.76 16.87
C SER A 723 -5.21 -9.89 18.31
N VAL A 724 -5.15 -11.09 18.88
CA VAL A 724 -4.75 -11.26 20.28
C VAL A 724 -3.47 -12.07 20.43
N ALA A 725 -2.87 -12.53 19.34
CA ALA A 725 -1.62 -13.26 19.47
C ALA A 725 -0.51 -12.34 19.95
N THR A 726 0.32 -12.86 20.84
CA THR A 726 1.45 -12.11 21.34
C THR A 726 2.60 -13.06 21.63
N VAL A 727 3.81 -12.51 21.64
CA VAL A 727 5.03 -13.26 21.90
C VAL A 727 5.44 -12.93 23.32
N CYS A 728 5.61 -13.95 24.15
CA CYS A 728 5.97 -13.75 25.55
C CYS A 728 7.33 -14.36 25.83
N HIS A 729 8.14 -13.64 26.59
CA HIS A 729 9.40 -14.18 27.05
C HIS A 729 9.13 -15.34 28.01
N PRO A 730 10.13 -16.21 28.24
CA PRO A 730 9.86 -17.36 29.12
C PRO A 730 9.35 -16.98 30.49
N ASN A 731 9.76 -15.83 31.02
CA ASN A 731 9.25 -15.30 32.27
C ASN A 731 7.79 -14.88 32.19
N GLY A 732 7.16 -14.99 31.02
CA GLY A 732 5.78 -14.59 30.86
C GLY A 732 5.58 -13.15 30.45
N SER A 733 6.64 -12.39 30.27
CA SER A 733 6.48 -11.03 29.79
C SER A 733 6.04 -11.08 28.34
N CYS A 734 4.95 -10.39 28.01
CA CYS A 734 4.27 -10.55 26.73
C CYS A 734 4.31 -9.25 25.93
N LEU A 735 4.81 -9.35 24.69
CA LEU A 735 4.94 -8.21 23.80
C LEU A 735 3.96 -8.36 22.64
N GLN A 736 3.34 -7.26 22.24
CA GLN A 736 2.39 -7.26 21.14
C GLN A 736 3.05 -6.89 19.82
N LEU A 737 2.34 -7.22 18.73
CA LEU A 737 2.86 -6.96 17.39
C LEU A 737 3.26 -5.51 17.23
N GLU A 738 2.35 -4.59 17.53
CA GLU A 738 2.64 -3.17 17.48
C GLU A 738 2.29 -2.51 18.80
N PRO A 739 3.01 -1.44 19.16
CA PRO A 739 4.22 -0.93 18.50
C PRO A 739 5.44 -1.65 19.08
N ASP A 740 5.15 -2.45 20.10
CA ASP A 740 6.14 -3.09 20.94
C ASP A 740 7.12 -3.95 20.15
N LEU A 741 6.67 -5.06 19.56
CA LEU A 741 7.56 -5.90 18.77
C LEU A 741 8.13 -5.16 17.58
N THR A 742 7.35 -4.28 16.97
CA THR A 742 7.87 -3.52 15.84
C THR A 742 9.07 -2.69 16.23
N ASN A 743 9.09 -2.16 17.46
CA ASN A 743 10.27 -1.44 17.92
C ASN A 743 11.47 -2.38 17.98
N VAL A 744 11.25 -3.63 18.40
CA VAL A 744 12.32 -4.60 18.46
C VAL A 744 12.94 -4.79 17.06
N MET A 745 12.10 -5.13 16.10
CA MET A 745 12.59 -5.32 14.74
C MET A 745 13.31 -4.09 14.22
N ALA A 746 12.80 -2.91 14.55
CA ALA A 746 13.40 -1.70 14.02
C ALA A 746 14.74 -1.39 14.68
N THR A 747 14.91 -1.71 15.95
CA THR A 747 16.02 -1.15 16.71
C THR A 747 17.07 -2.15 17.16
N SER A 748 16.71 -3.41 17.38
CA SER A 748 17.70 -4.33 17.90
C SER A 748 18.72 -4.68 16.82
N ARG A 749 19.97 -4.81 17.24
CA ARG A 749 21.04 -5.28 16.38
C ARG A 749 21.62 -6.58 16.93
N LYS A 750 20.85 -7.25 17.78
CA LYS A 750 21.27 -8.48 18.42
C LYS A 750 20.68 -9.63 17.60
N TYR A 751 21.56 -10.38 16.93
CA TYR A 751 21.08 -11.49 16.13
C TYR A 751 20.12 -12.36 16.92
N GLU A 752 20.41 -12.59 18.20
CA GLU A 752 19.61 -13.51 18.98
C GLU A 752 18.20 -12.98 19.23
N ASP A 753 18.08 -11.73 19.66
CA ASP A 753 16.76 -11.21 20.00
C ASP A 753 15.89 -11.02 18.76
N LEU A 754 16.48 -10.55 17.67
CA LEU A 754 15.71 -10.42 16.44
C LEU A 754 15.15 -11.77 16.03
N LEU A 755 16.00 -12.79 16.02
CA LEU A 755 15.53 -14.12 15.67
C LEU A 755 14.42 -14.54 16.60
N TRP A 756 14.59 -14.30 17.90
CA TRP A 756 13.55 -14.67 18.84
C TRP A 756 12.25 -13.95 18.54
N ALA A 757 12.33 -12.65 18.22
CA ALA A 757 11.12 -11.90 17.95
C ALA A 757 10.47 -12.38 16.66
N TRP A 758 11.26 -12.48 15.60
CA TRP A 758 10.73 -12.95 14.33
C TRP A 758 10.19 -14.36 14.48
N GLU A 759 11.01 -15.25 15.06
CA GLU A 759 10.60 -16.63 15.20
C GLU A 759 9.40 -16.77 16.12
N GLY A 760 9.38 -16.02 17.22
CA GLY A 760 8.27 -16.12 18.15
C GLY A 760 6.94 -15.70 17.55
N TRP A 761 6.90 -14.52 16.93
CA TRP A 761 5.66 -14.05 16.33
C TRP A 761 5.13 -15.06 15.34
N ARG A 762 6.02 -15.61 14.53
CA ARG A 762 5.61 -16.61 13.56
C ARG A 762 5.22 -17.90 14.27
N ASP A 763 5.78 -18.16 15.44
CA ASP A 763 5.44 -19.38 16.16
C ASP A 763 4.06 -19.33 16.82
N LYS A 764 3.73 -18.22 17.49
CA LYS A 764 2.41 -18.16 18.12
C LYS A 764 1.34 -17.64 17.18
N ALA A 765 1.62 -16.56 16.47
CA ALA A 765 0.62 -16.01 15.56
C ALA A 765 0.58 -16.80 14.26
N GLY A 766 1.74 -17.01 13.66
CA GLY A 766 1.79 -17.68 12.38
C GLY A 766 1.21 -19.09 12.40
N ARG A 767 1.78 -19.96 13.23
CA ARG A 767 1.36 -21.36 13.22
C ARG A 767 -0.13 -21.51 13.45
N ALA A 768 -0.72 -20.67 14.31
CA ALA A 768 -2.12 -20.87 14.68
C ALA A 768 -3.07 -20.69 13.50
N ILE A 769 -2.71 -19.87 12.51
CA ILE A 769 -3.67 -19.62 11.46
C ILE A 769 -3.98 -20.86 10.65
N LEU A 770 -3.14 -21.89 10.70
CA LEU A 770 -3.53 -23.10 9.99
C LEU A 770 -4.78 -23.72 10.59
N GLN A 771 -5.23 -23.21 11.74
CA GLN A 771 -6.51 -23.60 12.32
C GLN A 771 -7.70 -23.18 11.47
N PHE A 772 -7.51 -22.38 10.43
CA PHE A 772 -8.65 -21.92 9.65
C PHE A 772 -8.38 -21.77 8.16
N TYR A 773 -7.14 -21.56 7.78
CA TYR A 773 -6.84 -21.19 6.39
C TYR A 773 -7.45 -22.13 5.36
N PRO A 774 -7.35 -23.44 5.49
CA PRO A 774 -7.80 -24.29 4.37
C PRO A 774 -9.25 -24.08 4.03
N LYS A 775 -10.14 -24.13 5.02
CA LYS A 775 -11.55 -23.93 4.75
C LYS A 775 -11.80 -22.51 4.24
N TYR A 776 -11.03 -21.55 4.73
CA TYR A 776 -11.16 -20.18 4.24
C TYR A 776 -10.95 -20.13 2.73
N VAL A 777 -9.89 -20.78 2.25
CA VAL A 777 -9.64 -20.79 0.81
C VAL A 777 -10.81 -21.42 0.08
N GLU A 778 -11.21 -22.61 0.51
CA GLU A 778 -12.30 -23.30 -0.15
C GLU A 778 -13.53 -22.39 -0.23
N LEU A 779 -13.80 -21.64 0.83
CA LEU A 779 -15.03 -20.87 0.88
C LEU A 779 -14.98 -19.67 -0.05
N ILE A 780 -13.93 -18.85 0.05
CA ILE A 780 -13.89 -17.70 -0.85
C ILE A 780 -13.77 -18.16 -2.28
N ASN A 781 -13.21 -19.35 -2.51
CA ASN A 781 -13.26 -19.91 -3.84
C ASN A 781 -14.71 -20.21 -4.23
N GLN A 782 -15.48 -20.78 -3.30
CA GLN A 782 -16.88 -21.04 -3.61
C GLN A 782 -17.60 -19.73 -3.93
N ALA A 783 -17.36 -18.71 -3.12
CA ALA A 783 -17.99 -17.42 -3.39
C ALA A 783 -17.56 -16.89 -4.76
N ALA A 784 -16.27 -16.92 -5.04
CA ALA A 784 -15.78 -16.36 -6.29
C ALA A 784 -16.46 -17.04 -7.47
N ARG A 785 -16.55 -18.37 -7.45
CA ARG A 785 -17.19 -19.06 -8.55
C ARG A 785 -18.64 -18.60 -8.71
N LEU A 786 -19.36 -18.48 -7.60
CA LEU A 786 -20.75 -18.05 -7.70
C LEU A 786 -20.88 -16.61 -8.16
N ASN A 787 -19.80 -15.83 -8.13
CA ASN A 787 -19.80 -14.50 -8.71
C ASN A 787 -19.30 -14.49 -10.15
N GLY A 788 -19.02 -15.66 -10.73
CA GLY A 788 -18.60 -15.76 -12.11
C GLY A 788 -17.12 -15.87 -12.37
N TYR A 789 -16.29 -16.05 -11.35
CA TYR A 789 -14.86 -16.19 -11.53
C TYR A 789 -14.43 -17.65 -11.46
N VAL A 790 -13.21 -17.91 -11.93
CA VAL A 790 -12.67 -19.27 -11.89
C VAL A 790 -12.32 -19.63 -10.47
N ASP A 791 -11.80 -18.69 -9.70
CA ASP A 791 -11.43 -18.90 -8.31
C ASP A 791 -11.18 -17.53 -7.71
N ALA A 792 -10.90 -17.49 -6.41
CA ALA A 792 -10.69 -16.21 -5.78
C ALA A 792 -9.54 -15.47 -6.45
N GLY A 793 -8.54 -16.20 -6.93
CA GLY A 793 -7.45 -15.54 -7.63
C GLY A 793 -7.95 -14.79 -8.84
N ASP A 794 -8.84 -15.41 -9.60
CA ASP A 794 -9.45 -14.72 -10.73
C ASP A 794 -10.20 -13.48 -10.27
N SER A 795 -10.95 -13.59 -9.17
CA SER A 795 -11.76 -12.46 -8.73
C SER A 795 -10.92 -11.21 -8.52
N TRP A 796 -9.85 -11.31 -7.73
CA TRP A 796 -9.07 -10.10 -7.48
C TRP A 796 -8.38 -9.63 -8.75
N ARG A 797 -7.70 -10.54 -9.44
CA ARG A 797 -6.97 -10.15 -10.63
C ARG A 797 -7.87 -9.47 -11.65
N SER A 798 -9.17 -9.74 -11.62
CA SER A 798 -10.07 -9.08 -12.56
C SER A 798 -10.19 -7.58 -12.32
N MET A 799 -9.96 -7.09 -11.10
CA MET A 799 -10.17 -5.67 -10.88
C MET A 799 -9.14 -4.79 -11.57
N TYR A 800 -8.02 -5.32 -12.04
CA TYR A 800 -7.15 -4.52 -12.87
C TYR A 800 -7.62 -4.47 -14.31
N GLU A 801 -8.80 -5.04 -14.56
CA GLU A 801 -9.49 -4.96 -15.84
C GLU A 801 -8.58 -5.25 -17.03
N THR A 802 -7.58 -6.09 -16.85
CA THR A 802 -6.68 -6.33 -17.97
C THR A 802 -6.17 -7.77 -17.94
N PRO A 803 -6.63 -8.62 -18.85
CA PRO A 803 -6.34 -10.06 -18.76
C PRO A 803 -4.87 -10.44 -18.65
N SER A 804 -3.95 -9.69 -19.25
CA SER A 804 -2.53 -10.05 -19.25
C SER A 804 -1.80 -9.55 -18.02
N LEU A 805 -2.53 -9.26 -16.93
CA LEU A 805 -1.91 -8.68 -15.75
C LEU A 805 -0.62 -9.40 -15.35
N GLU A 806 -0.69 -10.71 -15.08
CA GLU A 806 0.50 -11.39 -14.60
C GLU A 806 1.64 -11.31 -15.60
N GLN A 807 1.32 -11.37 -16.89
CA GLN A 807 2.38 -11.26 -17.88
C GLN A 807 2.99 -9.88 -17.82
N ASP A 808 2.16 -8.85 -17.70
CA ASP A 808 2.65 -7.50 -17.57
C ASP A 808 3.44 -7.34 -16.29
N LEU A 809 2.90 -7.84 -15.17
CA LEU A 809 3.60 -7.74 -13.90
C LEU A 809 4.94 -8.46 -13.97
N GLU A 810 4.98 -9.63 -14.61
CA GLU A 810 6.23 -10.36 -14.72
C GLU A 810 7.31 -9.51 -15.38
N ARG A 811 7.00 -8.96 -16.57
CA ARG A 811 7.99 -8.15 -17.25
C ARG A 811 8.39 -6.96 -16.40
N LEU A 812 7.40 -6.29 -15.83
CA LEU A 812 7.70 -5.14 -14.99
C LEU A 812 8.69 -5.52 -13.91
N PHE A 813 8.53 -6.69 -13.32
CA PHE A 813 9.47 -7.08 -12.27
C PHE A 813 10.86 -7.32 -12.82
N GLN A 814 10.98 -8.00 -13.96
CA GLN A 814 12.32 -8.31 -14.48
C GLN A 814 13.10 -7.03 -14.74
N GLU A 815 12.42 -5.99 -15.23
CA GLU A 815 13.11 -4.76 -15.57
C GLU A 815 13.68 -4.07 -14.35
N LEU A 816 13.19 -4.36 -13.15
CA LEU A 816 13.78 -3.83 -11.93
C LEU A 816 14.92 -4.70 -11.42
N GLN A 817 15.05 -5.93 -11.91
CA GLN A 817 16.03 -6.84 -11.33
C GLN A 817 17.43 -6.26 -11.32
N PRO A 818 17.92 -5.63 -12.39
CA PRO A 818 19.27 -5.08 -12.32
C PRO A 818 19.42 -4.10 -11.19
N LEU A 819 18.42 -3.25 -10.97
CA LEU A 819 18.50 -2.32 -9.85
C LEU A 819 18.40 -3.07 -8.53
N TYR A 820 17.33 -3.84 -8.35
CA TYR A 820 17.10 -4.49 -7.08
C TYR A 820 18.26 -5.39 -6.68
N LEU A 821 18.82 -6.13 -7.64
CA LEU A 821 19.93 -7.01 -7.31
C LEU A 821 21.12 -6.21 -6.82
N ASN A 822 21.39 -5.07 -7.45
CA ASN A 822 22.50 -4.26 -6.97
C ASN A 822 22.21 -3.77 -5.56
N LEU A 823 21.00 -3.26 -5.34
CA LEU A 823 20.64 -2.81 -4.00
C LEU A 823 20.75 -3.95 -3.01
N HIS A 824 20.19 -5.11 -3.37
CA HIS A 824 20.23 -6.27 -2.48
C HIS A 824 21.66 -6.56 -2.05
N ALA A 825 22.56 -6.67 -3.01
CA ALA A 825 23.93 -7.03 -2.69
C ALA A 825 24.57 -5.99 -1.78
N TYR A 826 24.29 -4.71 -2.02
CA TYR A 826 24.89 -3.69 -1.17
C TYR A 826 24.39 -3.81 0.26
N VAL A 827 23.09 -4.04 0.44
CA VAL A 827 22.59 -4.21 1.81
C VAL A 827 23.27 -5.41 2.44
N ARG A 828 23.45 -6.47 1.67
CA ARG A 828 24.12 -7.65 2.18
C ARG A 828 25.49 -7.30 2.72
N ARG A 829 26.24 -6.49 1.96
CA ARG A 829 27.56 -6.09 2.40
C ARG A 829 27.48 -5.33 3.72
N ALA A 830 26.45 -4.49 3.87
CA ALA A 830 26.29 -3.77 5.13
C ALA A 830 26.07 -4.75 6.26
N LEU A 831 25.18 -5.72 6.03
CA LEU A 831 24.96 -6.74 7.04
C LEU A 831 26.25 -7.48 7.34
N HIS A 832 27.07 -7.70 6.31
CA HIS A 832 28.29 -8.48 6.46
C HIS A 832 29.20 -7.91 7.55
N ARG A 833 29.40 -6.59 7.57
CA ARG A 833 30.31 -6.05 8.58
C ARG A 833 29.67 -5.92 9.96
N HIS A 834 28.35 -5.96 10.08
CA HIS A 834 27.76 -5.94 11.41
C HIS A 834 27.42 -7.31 11.96
N TYR A 835 26.92 -8.23 11.14
CA TYR A 835 26.61 -9.57 11.62
C TYR A 835 27.73 -10.56 11.37
N GLY A 836 28.70 -10.21 10.54
CA GLY A 836 29.85 -11.06 10.29
C GLY A 836 29.54 -12.23 9.36
N ALA A 837 30.62 -12.78 8.79
CA ALA A 837 30.49 -13.88 7.85
C ALA A 837 29.79 -15.08 8.49
N GLN A 838 29.90 -15.22 9.80
CA GLN A 838 29.26 -16.36 10.47
C GLN A 838 27.76 -16.31 10.33
N HIS A 839 27.21 -15.15 9.97
CA HIS A 839 25.79 -14.99 9.79
C HIS A 839 25.45 -14.33 8.45
N ILE A 840 26.45 -13.96 7.67
CA ILE A 840 26.24 -13.26 6.41
C ILE A 840 27.15 -13.91 5.39
N ASN A 841 26.57 -14.54 4.38
CA ASN A 841 27.31 -15.12 3.27
C ASN A 841 27.27 -14.12 2.13
N LEU A 842 28.42 -13.53 1.83
CA LEU A 842 28.47 -12.52 0.78
C LEU A 842 28.09 -13.11 -0.57
N GLU A 843 27.92 -14.43 -0.65
CA GLU A 843 27.64 -15.09 -1.91
C GLU A 843 26.28 -15.77 -1.94
N GLY A 844 25.42 -15.51 -0.96
CA GLY A 844 24.10 -16.11 -0.94
C GLY A 844 23.00 -15.12 -0.59
N PRO A 845 21.77 -15.60 -0.52
CA PRO A 845 20.65 -14.72 -0.16
C PRO A 845 20.75 -14.26 1.28
N ILE A 846 19.99 -13.22 1.59
CA ILE A 846 20.05 -12.56 2.89
C ILE A 846 19.12 -13.21 3.91
N PRO A 847 19.52 -13.32 5.16
CA PRO A 847 18.61 -13.81 6.20
C PRO A 847 17.44 -12.85 6.37
N ALA A 848 16.24 -13.34 6.09
CA ALA A 848 15.03 -12.53 6.03
C ALA A 848 14.58 -11.95 7.35
N HIS A 849 15.26 -12.19 8.47
CA HIS A 849 14.83 -11.61 9.72
C HIS A 849 15.64 -10.39 10.12
N LEU A 850 16.54 -9.92 9.27
CA LEU A 850 17.39 -8.77 9.58
C LEU A 850 16.96 -7.50 8.87
N LEU A 851 15.95 -7.55 8.01
CA LEU A 851 15.59 -6.39 7.21
C LEU A 851 14.89 -5.32 8.02
N GLY A 852 14.98 -5.36 9.34
CA GLY A 852 14.43 -4.29 10.12
C GLY A 852 12.92 -4.25 10.19
N ASN A 853 12.22 -5.20 9.58
CA ASN A 853 10.77 -5.20 9.61
C ASN A 853 10.24 -6.60 9.84
N MET A 854 9.18 -6.70 10.65
CA MET A 854 8.61 -7.99 11.02
C MET A 854 8.42 -8.90 9.82
N TRP A 855 8.11 -8.36 8.66
CA TRP A 855 7.90 -9.16 7.48
C TRP A 855 8.97 -8.92 6.44
N ALA A 856 9.94 -8.07 6.71
CA ALA A 856 10.94 -7.70 5.72
C ALA A 856 10.31 -7.14 4.45
N GLN A 857 9.15 -6.48 4.56
CA GLN A 857 8.54 -5.89 3.39
C GLN A 857 9.04 -4.48 3.11
N THR A 858 9.60 -3.83 4.12
CA THR A 858 10.10 -2.47 3.98
C THR A 858 11.37 -2.37 4.78
N TRP A 859 12.43 -1.89 4.16
CA TRP A 859 13.77 -1.99 4.74
C TRP A 859 14.25 -0.66 5.31
N SER A 860 13.40 0.36 5.32
CA SER A 860 13.82 1.69 5.74
C SER A 860 14.38 1.73 7.16
N ASN A 861 14.07 0.74 7.99
CA ASN A 861 14.59 0.81 9.35
C ASN A 861 16.10 0.64 9.45
N ILE A 862 16.75 0.08 8.44
CA ILE A 862 18.19 -0.15 8.51
C ILE A 862 18.99 0.90 7.76
N TYR A 863 18.35 2.02 7.40
CA TYR A 863 19.05 3.06 6.63
C TYR A 863 20.33 3.48 7.31
N ASP A 864 20.33 3.53 8.64
CA ASP A 864 21.53 3.94 9.37
C ASP A 864 22.71 3.01 9.09
N LEU A 865 22.45 1.71 8.91
CA LEU A 865 23.51 0.76 8.58
C LEU A 865 23.87 0.78 7.11
N VAL A 866 23.10 1.49 6.28
CA VAL A 866 23.24 1.40 4.84
C VAL A 866 23.52 2.74 4.17
N VAL A 867 23.44 3.85 4.90
CA VAL A 867 23.60 5.18 4.32
C VAL A 867 24.88 5.27 3.50
N PRO A 868 24.82 5.77 2.28
CA PRO A 868 26.04 5.88 1.48
C PRO A 868 26.91 7.03 1.91
N PHE A 869 26.29 8.10 2.43
CA PHE A 869 27.08 9.23 2.90
C PHE A 869 26.53 9.78 4.20
N PRO A 870 27.33 9.75 5.26
CA PRO A 870 27.10 10.67 6.39
C PRO A 870 27.29 12.13 6.01
N SER A 871 27.16 13.01 7.00
CA SER A 871 27.06 14.46 6.77
C SER A 871 25.82 14.81 5.95
N ALA A 872 24.78 14.00 6.08
CA ALA A 872 23.57 14.20 5.27
C ALA A 872 22.85 15.51 5.56
N PRO A 873 22.68 15.95 6.81
CA PRO A 873 21.87 17.14 7.06
C PRO A 873 22.65 18.42 6.82
N SER A 874 21.99 19.38 6.18
CA SER A 874 22.28 20.80 6.36
C SER A 874 21.48 21.41 7.49
N MET A 875 20.37 20.78 7.88
CA MET A 875 19.64 21.17 9.08
C MET A 875 18.74 20.01 9.47
N ASP A 876 18.36 19.99 10.76
CA ASP A 876 17.32 19.08 11.23
C ASP A 876 15.96 19.67 10.89
N THR A 877 15.24 19.03 9.97
CA THR A 877 13.94 19.54 9.56
C THR A 877 12.94 19.47 10.71
N THR A 878 13.10 18.51 11.61
CA THR A 878 12.21 18.44 12.78
C THR A 878 12.42 19.67 13.65
N GLU A 879 13.67 19.95 13.99
CA GLU A 879 13.98 21.14 14.77
C GLU A 879 13.59 22.39 14.01
N ALA A 880 13.78 22.38 12.70
CA ALA A 880 13.43 23.52 11.87
C ALA A 880 11.94 23.80 11.92
N MET A 881 11.13 22.76 11.72
CA MET A 881 9.69 22.95 11.72
C MET A 881 9.23 23.54 13.04
N LEU A 882 9.81 23.07 14.14
CA LEU A 882 9.52 23.66 15.44
C LEU A 882 9.90 25.13 15.47
N LYS A 883 11.07 25.46 14.93
CA LYS A 883 11.52 26.84 14.94
C LYS A 883 10.60 27.76 14.16
N GLN A 884 10.09 27.30 13.01
CA GLN A 884 9.21 28.15 12.22
C GLN A 884 7.76 28.15 12.70
N GLY A 885 7.45 27.47 13.79
CA GLY A 885 6.09 27.49 14.29
C GLY A 885 5.14 26.62 13.52
N TRP A 886 5.63 25.53 12.94
CA TRP A 886 4.76 24.64 12.18
C TRP A 886 3.79 23.90 13.09
N THR A 887 2.54 23.85 12.65
CA THR A 887 1.42 23.24 13.36
C THR A 887 0.71 22.30 12.41
N PRO A 888 -0.06 21.35 12.93
CA PRO A 888 -0.76 20.44 12.02
C PRO A 888 -1.59 21.17 10.97
N ARG A 889 -2.44 22.12 11.36
CA ARG A 889 -3.19 22.85 10.35
C ARG A 889 -2.25 23.59 9.40
N ARG A 890 -1.18 24.17 9.93
CA ARG A 890 -0.29 24.89 9.03
C ARG A 890 0.36 23.92 8.07
N MET A 891 0.69 22.71 8.54
CA MET A 891 1.29 21.75 7.63
C MET A 891 0.31 21.41 6.52
N PHE A 892 -0.89 20.99 6.90
CA PHE A 892 -1.90 20.71 5.88
C PHE A 892 -2.21 21.95 5.07
N LYS A 893 -2.10 23.13 5.69
CA LYS A 893 -2.33 24.34 4.91
C LYS A 893 -1.27 24.47 3.82
N GLU A 894 -0.02 24.16 4.13
CA GLU A 894 1.00 24.25 3.09
C GLU A 894 0.67 23.31 1.95
N ALA A 895 0.15 22.13 2.28
CA ALA A 895 -0.23 21.18 1.24
C ALA A 895 -1.30 21.78 0.35
N ASP A 896 -2.35 22.34 0.95
CA ASP A 896 -3.38 22.96 0.13
C ASP A 896 -2.78 24.00 -0.80
N ASP A 897 -1.81 24.77 -0.29
CA ASP A 897 -1.18 25.79 -1.12
C ASP A 897 -0.54 25.14 -2.33
N PHE A 898 0.25 24.10 -2.08
CA PHE A 898 0.85 23.35 -3.17
C PHE A 898 -0.25 22.83 -4.09
N PHE A 899 -1.32 22.29 -3.51
CA PHE A 899 -2.44 21.81 -4.31
C PHE A 899 -3.13 22.96 -5.03
N THR A 900 -3.25 24.11 -4.39
CA THR A 900 -3.90 25.24 -5.05
C THR A 900 -3.06 25.73 -6.21
N SER A 901 -1.73 25.74 -6.05
CA SER A 901 -0.87 26.18 -7.14
C SER A 901 -0.98 25.24 -8.31
N LEU A 902 -1.33 23.99 -8.06
CA LEU A 902 -1.55 23.01 -9.09
C LEU A 902 -2.95 23.11 -9.67
N GLY A 903 -3.71 24.13 -9.31
CA GLY A 903 -4.98 24.40 -9.94
C GLY A 903 -6.07 23.40 -9.66
N LEU A 904 -5.88 22.52 -8.69
CA LEU A 904 -6.91 21.55 -8.36
C LEU A 904 -7.99 22.20 -7.49
N LEU A 905 -9.07 21.47 -7.27
CA LEU A 905 -10.16 22.02 -6.48
C LEU A 905 -9.67 22.39 -5.09
N PRO A 906 -9.91 23.60 -4.62
CA PRO A 906 -9.59 23.90 -3.23
C PRO A 906 -10.44 23.07 -2.32
N VAL A 907 -9.96 22.83 -1.11
CA VAL A 907 -10.69 21.93 -0.21
C VAL A 907 -12.00 22.58 0.23
N PRO A 908 -13.08 21.83 0.40
CA PRO A 908 -14.35 22.46 0.77
C PRO A 908 -14.28 23.05 2.17
N PRO A 909 -15.03 24.12 2.43
CA PRO A 909 -14.95 24.75 3.76
C PRO A 909 -15.30 23.84 4.93
N GLU A 910 -16.23 22.89 4.79
CA GLU A 910 -16.56 22.06 5.96
C GLU A 910 -15.38 21.22 6.42
N PHE A 911 -14.44 20.91 5.52
CA PHE A 911 -13.30 20.10 5.88
C PHE A 911 -12.56 20.66 7.09
N TRP A 912 -12.28 21.96 7.07
CA TRP A 912 -11.53 22.55 8.16
C TRP A 912 -12.24 22.51 9.49
N ASN A 913 -13.56 22.28 9.53
CA ASN A 913 -14.22 22.06 10.81
C ASN A 913 -14.44 20.60 11.22
N LYS A 914 -14.39 19.62 10.32
CA LYS A 914 -14.64 18.27 10.77
C LYS A 914 -13.45 17.32 10.70
N SER A 915 -12.40 17.63 9.96
CA SER A 915 -11.24 16.77 10.00
C SER A 915 -10.66 16.77 11.42
N MET A 916 -9.90 15.73 11.73
CA MET A 916 -9.25 15.59 13.03
C MET A 916 -7.75 15.53 12.76
N LEU A 917 -7.08 16.66 12.97
CA LEU A 917 -5.67 16.80 12.64
C LEU A 917 -4.75 16.59 13.83
N GLU A 918 -5.30 16.37 15.02
CA GLU A 918 -4.50 16.20 16.22
C GLU A 918 -5.08 15.10 17.08
N LYS A 919 -4.26 14.55 17.95
CA LYS A 919 -4.75 13.57 18.90
C LYS A 919 -5.77 14.24 19.80
N PRO A 920 -6.99 13.72 19.90
CA PRO A 920 -7.99 14.36 20.77
C PRO A 920 -7.59 14.31 22.23
N THR A 921 -8.03 15.32 22.97
CA THR A 921 -7.74 15.45 24.39
C THR A 921 -8.97 15.30 25.26
N ASP A 922 -10.14 15.04 24.66
CA ASP A 922 -11.39 14.92 25.41
C ASP A 922 -11.67 13.49 25.86
N GLY A 923 -10.64 12.67 26.01
CA GLY A 923 -10.80 11.29 26.44
C GLY A 923 -11.40 10.36 25.42
N ARG A 924 -11.64 10.82 24.19
CA ARG A 924 -12.04 9.91 23.13
C ARG A 924 -10.84 9.11 22.69
N GLU A 925 -11.06 7.84 22.35
CA GLU A 925 -9.98 7.01 21.85
C GLU A 925 -10.09 6.87 20.34
N VAL A 926 -8.94 6.91 19.68
CA VAL A 926 -8.85 7.02 18.22
C VAL A 926 -8.14 5.81 17.65
N VAL A 927 -8.57 5.39 16.46
CA VAL A 927 -7.83 4.42 15.66
C VAL A 927 -6.87 5.26 14.82
N CYS A 928 -5.62 5.34 15.26
CA CYS A 928 -4.63 6.27 14.73
C CYS A 928 -4.08 5.96 13.33
N HIS A 929 -4.50 4.94 12.60
CA HIS A 929 -3.91 4.80 11.27
C HIS A 929 -4.37 5.95 10.39
N ALA A 930 -3.43 6.80 9.97
CA ALA A 930 -3.78 7.96 9.16
C ALA A 930 -4.39 7.53 7.84
N SER A 931 -5.49 8.18 7.46
CA SER A 931 -6.18 7.84 6.23
C SER A 931 -7.14 8.97 5.87
N ALA A 932 -7.69 8.89 4.67
CA ALA A 932 -8.60 9.89 4.16
C ALA A 932 -10.00 9.30 4.08
N TRP A 933 -11.01 10.16 4.20
CA TRP A 933 -12.39 9.72 4.26
C TRP A 933 -13.26 10.58 3.37
N ASP A 934 -14.16 9.93 2.64
CA ASP A 934 -15.14 10.60 1.80
C ASP A 934 -16.53 10.15 2.23
N PHE A 935 -17.44 11.10 2.40
CA PHE A 935 -18.80 10.82 2.83
C PHE A 935 -19.78 10.75 1.67
N TYR A 936 -19.31 10.71 0.44
CA TYR A 936 -20.15 10.57 -0.73
C TYR A 936 -21.24 11.63 -0.82
N ASN A 937 -21.08 12.76 -0.12
CA ASN A 937 -22.10 13.79 -0.12
C ASN A 937 -21.62 15.06 -0.82
N GLY A 938 -20.55 14.96 -1.60
CA GLY A 938 -20.06 16.07 -2.39
C GLY A 938 -19.64 17.28 -1.58
N LYS A 939 -19.70 17.17 -0.26
CA LYS A 939 -19.35 18.27 0.63
C LYS A 939 -18.50 17.85 1.81
N ASP A 940 -18.67 16.65 2.34
CA ASP A 940 -17.93 16.16 3.50
C ASP A 940 -16.74 15.33 3.03
N PHE A 941 -15.55 15.81 3.28
CA PHE A 941 -14.33 15.07 3.05
C PHE A 941 -13.44 15.33 4.25
N ARG A 942 -12.76 14.30 4.76
CA ARG A 942 -12.00 14.51 5.98
C ARG A 942 -10.73 13.69 6.00
N ILE A 943 -9.75 14.18 6.76
CA ILE A 943 -8.49 13.50 7.01
C ILE A 943 -8.39 13.27 8.51
N LYS A 944 -7.94 12.08 8.88
CA LYS A 944 -7.79 11.68 10.27
C LYS A 944 -6.36 11.23 10.48
N GLN A 945 -5.56 12.06 11.16
CA GLN A 945 -4.16 11.75 11.42
C GLN A 945 -3.73 12.29 12.76
N CYS A 946 -2.99 11.48 13.52
CA CYS A 946 -2.41 11.91 14.77
C CYS A 946 -1.14 12.68 14.39
N THR A 947 -1.36 13.88 13.86
CA THR A 947 -0.30 14.64 13.22
C THR A 947 0.77 15.10 14.21
N THR A 948 2.01 14.71 13.93
CA THR A 948 3.18 15.16 14.67
C THR A 948 3.97 16.08 13.76
N VAL A 949 4.40 17.22 14.29
CA VAL A 949 5.06 18.22 13.46
C VAL A 949 6.46 17.73 13.13
N ASN A 950 6.57 16.98 12.04
CA ASN A 950 7.87 16.53 11.57
C ASN A 950 7.79 16.26 10.08
N LEU A 951 8.95 16.06 9.46
CA LEU A 951 8.99 15.83 8.03
C LEU A 951 8.20 14.59 7.64
N GLU A 952 8.26 13.56 8.47
CA GLU A 952 7.53 12.34 8.12
C GLU A 952 6.06 12.63 7.91
N ASP A 953 5.44 13.31 8.86
CA ASP A 953 4.01 13.60 8.72
C ASP A 953 3.75 14.57 7.58
N LEU A 954 4.72 15.43 7.26
CA LEU A 954 4.54 16.34 6.13
C LEU A 954 4.29 15.54 4.86
N VAL A 955 5.03 14.45 4.69
CA VAL A 955 4.77 13.58 3.55
C VAL A 955 3.44 12.89 3.75
N VAL A 956 3.14 12.46 4.97
CA VAL A 956 1.85 11.86 5.23
C VAL A 956 0.75 12.84 4.84
N ALA A 957 0.91 14.10 5.24
CA ALA A 957 -0.12 15.09 4.96
C ALA A 957 -0.38 15.20 3.47
N HIS A 958 0.67 15.44 2.69
CA HIS A 958 0.46 15.55 1.25
C HIS A 958 -0.13 14.26 0.70
N HIS A 959 0.29 13.11 1.23
CA HIS A 959 -0.30 11.88 0.77
C HIS A 959 -1.80 11.87 1.04
N GLU A 960 -2.20 12.20 2.27
CA GLU A 960 -3.62 12.20 2.58
C GLU A 960 -4.35 13.20 1.72
N MET A 961 -3.82 14.41 1.57
CA MET A 961 -4.48 15.38 0.71
C MET A 961 -4.56 14.85 -0.71
N GLY A 962 -3.61 14.02 -1.11
CA GLY A 962 -3.68 13.44 -2.44
C GLY A 962 -4.96 12.65 -2.61
N HIS A 963 -5.28 11.82 -1.62
CA HIS A 963 -6.53 11.09 -1.71
C HIS A 963 -7.71 12.05 -1.75
N ILE A 964 -7.72 13.03 -0.85
CA ILE A 964 -8.83 13.96 -0.81
C ILE A 964 -9.00 14.65 -2.15
N GLN A 965 -7.89 15.16 -2.70
CA GLN A 965 -7.95 15.78 -4.01
C GLN A 965 -8.59 14.84 -5.01
N TYR A 966 -8.23 13.56 -4.96
CA TYR A 966 -8.80 12.60 -5.87
C TYR A 966 -10.29 12.46 -5.66
N PHE A 967 -10.72 12.35 -4.40
CA PHE A 967 -12.15 12.26 -4.13
C PHE A 967 -12.90 13.44 -4.74
N MET A 968 -12.41 14.65 -4.50
CA MET A 968 -13.14 15.83 -4.94
C MET A 968 -13.39 15.82 -6.44
N GLN A 969 -12.36 15.53 -7.23
CA GLN A 969 -12.51 15.67 -8.66
C GLN A 969 -13.25 14.54 -9.36
N TYR A 970 -13.64 13.47 -8.69
CA TYR A 970 -14.59 12.56 -9.32
C TYR A 970 -15.95 12.63 -8.65
N LYS A 971 -16.16 13.63 -7.79
CA LYS A 971 -17.44 13.81 -7.11
C LYS A 971 -18.61 13.88 -8.08
N ASP A 972 -18.35 14.18 -9.35
CA ASP A 972 -19.45 14.34 -10.30
C ASP A 972 -20.02 13.01 -10.78
N LEU A 973 -19.35 11.90 -10.53
CA LEU A 973 -19.85 10.62 -10.99
C LEU A 973 -20.85 10.05 -9.99
N PRO A 974 -21.69 9.10 -10.41
CA PRO A 974 -22.52 8.40 -9.45
C PRO A 974 -21.66 7.55 -8.53
N VAL A 975 -22.18 7.29 -7.34
CA VAL A 975 -21.42 6.57 -6.32
C VAL A 975 -20.81 5.30 -6.90
N ALA A 976 -21.57 4.57 -7.71
CA ALA A 976 -21.11 3.28 -8.21
C ALA A 976 -19.78 3.35 -8.95
N LEU A 977 -19.36 4.52 -9.42
CA LEU A 977 -18.07 4.67 -10.07
C LEU A 977 -17.11 5.57 -9.29
N ARG A 978 -17.44 5.93 -8.06
CA ARG A 978 -16.59 6.81 -7.26
C ARG A 978 -15.43 6.03 -6.66
N GLU A 979 -14.52 5.63 -7.55
CA GLU A 979 -13.33 4.88 -7.19
C GLU A 979 -12.23 5.27 -8.16
N GLY A 980 -11.01 4.84 -7.88
CA GLY A 980 -9.92 5.12 -8.76
C GLY A 980 -10.05 4.40 -10.10
N ALA A 981 -9.27 4.86 -11.07
CA ALA A 981 -9.25 4.18 -12.36
C ALA A 981 -9.01 2.70 -12.18
N ASN A 982 -8.14 2.35 -11.24
CA ASN A 982 -7.92 0.98 -10.83
C ASN A 982 -7.48 1.02 -9.38
N PRO A 983 -7.51 -0.10 -8.68
CA PRO A 983 -7.19 -0.05 -7.26
C PRO A 983 -5.87 0.61 -6.98
N GLY A 984 -4.93 0.54 -7.91
CA GLY A 984 -3.64 1.18 -7.68
C GLY A 984 -3.68 2.68 -7.78
N PHE A 985 -4.42 3.21 -8.75
CA PHE A 985 -4.41 4.65 -8.97
C PHE A 985 -4.69 5.39 -7.67
N HIS A 986 -5.75 4.99 -6.98
CA HIS A 986 -6.12 5.69 -5.77
C HIS A 986 -4.96 5.70 -4.79
N GLU A 987 -4.26 4.57 -4.68
CA GLU A 987 -3.09 4.51 -3.83
C GLU A 987 -1.85 5.06 -4.52
N ALA A 988 -1.92 5.27 -5.84
CA ALA A 988 -0.79 5.82 -6.57
C ALA A 988 -0.79 7.34 -6.56
N ILE A 989 -1.95 7.96 -6.82
CA ILE A 989 -2.02 9.41 -6.75
C ILE A 989 -1.61 9.87 -5.37
N GLY A 990 -1.91 9.08 -4.35
CA GLY A 990 -1.49 9.42 -3.01
C GLY A 990 -0.03 9.77 -2.88
N ASP A 991 0.83 9.13 -3.67
CA ASP A 991 2.26 9.44 -3.58
C ASP A 991 2.71 10.60 -4.45
N VAL A 992 2.28 10.65 -5.71
CA VAL A 992 2.92 11.55 -6.67
C VAL A 992 2.94 12.97 -6.13
N LEU A 993 1.82 13.45 -5.63
CA LEU A 993 1.81 14.82 -5.15
C LEU A 993 2.70 14.98 -3.94
N ALA A 994 3.07 13.90 -3.28
CA ALA A 994 3.98 13.95 -2.16
C ALA A 994 5.44 13.82 -2.56
N LEU A 995 5.73 13.13 -3.66
CA LEU A 995 7.11 12.86 -4.04
C LEU A 995 7.98 14.11 -4.00
N SER A 996 7.53 15.19 -4.62
CA SER A 996 8.37 16.35 -4.69
C SER A 996 8.66 16.93 -3.32
N VAL A 997 7.80 16.68 -2.34
CA VAL A 997 7.94 17.32 -1.03
C VAL A 997 9.34 17.12 -0.47
N SER A 998 9.83 15.90 -0.46
CA SER A 998 11.10 15.57 0.17
C SER A 998 12.31 15.74 -0.74
N THR A 999 12.13 16.21 -1.97
CA THR A 999 13.30 16.53 -2.78
C THR A 999 14.06 17.68 -2.15
N PRO A 1000 15.37 17.74 -2.34
CA PRO A 1000 16.14 18.84 -1.75
C PRO A 1000 15.60 20.21 -2.13
N LYS A 1001 15.16 20.36 -3.38
CA LYS A 1001 14.64 21.65 -3.80
C LYS A 1001 13.42 22.06 -2.99
N HIS A 1002 12.41 21.19 -2.91
CA HIS A 1002 11.20 21.56 -2.19
C HIS A 1002 11.46 21.66 -0.68
N LEU A 1003 12.25 20.74 -0.13
CA LEU A 1003 12.60 20.87 1.28
C LEU A 1003 13.19 22.24 1.54
N HIS A 1004 14.08 22.69 0.66
CA HIS A 1004 14.68 24.01 0.79
C HIS A 1004 13.69 25.13 0.49
N SER A 1005 12.81 24.93 -0.50
CA SER A 1005 11.92 26.01 -0.92
C SER A 1005 11.08 26.55 0.22
N LEU A 1006 10.72 25.70 1.17
CA LEU A 1006 9.98 26.12 2.36
C LEU A 1006 10.90 26.46 3.52
N ASN A 1007 12.20 26.53 3.26
CA ASN A 1007 13.21 26.79 4.29
C ASN A 1007 13.23 25.69 5.34
N LEU A 1008 12.71 24.50 5.01
CA LEU A 1008 12.80 23.40 5.96
C LEU A 1008 14.25 23.02 6.18
N LEU A 1009 15.11 23.39 5.23
CA LEU A 1009 16.55 23.26 5.33
C LEU A 1009 17.14 24.58 4.84
N SER A 1010 18.07 25.13 5.59
CA SER A 1010 18.83 26.25 5.07
C SER A 1010 19.82 25.72 4.04
N SER A 1011 20.31 26.63 3.21
CA SER A 1011 21.11 26.22 2.05
C SER A 1011 22.17 25.19 2.46
N GLU A 1012 22.29 24.17 1.61
CA GLU A 1012 23.23 23.08 1.77
C GLU A 1012 24.20 23.11 0.61
N GLY A 1013 25.37 22.51 0.80
CA GLY A 1013 26.29 22.39 -0.31
C GLY A 1013 25.68 21.47 -1.36
N GLY A 1014 25.73 21.91 -2.61
CA GLY A 1014 25.04 21.20 -3.66
C GLY A 1014 25.67 19.88 -4.03
N SER A 1015 25.70 18.94 -3.08
CA SER A 1015 26.24 17.63 -3.37
C SER A 1015 25.19 16.74 -3.99
N ASP A 1016 25.63 15.86 -4.88
CA ASP A 1016 24.73 14.80 -5.31
C ASP A 1016 24.50 13.83 -4.17
N GLU A 1017 25.49 13.69 -3.30
CA GLU A 1017 25.39 12.70 -2.23
C GLU A 1017 24.13 12.94 -1.42
N HIS A 1018 23.76 14.20 -1.22
CA HIS A 1018 22.51 14.45 -0.52
C HIS A 1018 21.35 14.02 -1.38
N ASP A 1019 21.50 14.12 -2.70
CA ASP A 1019 20.48 13.57 -3.57
C ASP A 1019 20.48 12.05 -3.43
N ILE A 1020 21.67 11.47 -3.44
CA ILE A 1020 21.81 10.02 -3.32
C ILE A 1020 21.22 9.55 -2.00
N ASN A 1021 21.53 10.26 -0.91
CA ASN A 1021 20.99 9.87 0.39
C ASN A 1021 19.48 9.84 0.35
N PHE A 1022 18.87 10.87 -0.22
CA PHE A 1022 17.43 10.90 -0.30
C PHE A 1022 16.90 9.78 -1.20
N LEU A 1023 17.52 9.61 -2.37
CA LEU A 1023 17.04 8.58 -3.28
C LEU A 1023 17.13 7.19 -2.66
N MET A 1024 18.20 6.89 -1.94
CA MET A 1024 18.27 5.57 -1.35
C MET A 1024 17.18 5.41 -0.29
N LYS A 1025 17.07 6.37 0.63
CA LYS A 1025 15.99 6.31 1.62
C LYS A 1025 14.67 6.08 0.92
N MET A 1026 14.46 6.75 -0.21
CA MET A 1026 13.27 6.52 -1.01
C MET A 1026 13.28 5.08 -1.52
N ALA A 1027 14.39 4.67 -2.12
CA ALA A 1027 14.45 3.33 -2.69
C ALA A 1027 14.28 2.27 -1.61
N LEU A 1028 14.84 2.49 -0.43
CA LEU A 1028 14.79 1.48 0.61
C LEU A 1028 13.36 1.13 1.00
N ASP A 1029 12.38 1.95 0.62
CA ASP A 1029 10.97 1.60 0.71
C ASP A 1029 10.35 1.39 -0.67
N LYS A 1030 10.52 2.37 -1.56
CA LYS A 1030 9.92 2.26 -2.88
C LYS A 1030 10.35 0.97 -3.59
N ILE A 1031 11.63 0.60 -3.46
CA ILE A 1031 12.11 -0.59 -4.15
C ILE A 1031 11.86 -1.86 -3.34
N ALA A 1032 12.31 -1.90 -2.08
CA ALA A 1032 12.20 -3.13 -1.31
C ALA A 1032 10.75 -3.59 -1.24
N PHE A 1033 9.83 -2.64 -1.14
CA PHE A 1033 8.43 -2.99 -0.99
C PHE A 1033 7.86 -3.63 -2.25
N ILE A 1034 8.50 -3.43 -3.40
CA ILE A 1034 8.00 -3.98 -4.66
C ILE A 1034 7.95 -5.50 -4.61
N PRO A 1035 9.09 -6.19 -4.54
CA PRO A 1035 9.03 -7.64 -4.63
C PRO A 1035 8.16 -8.27 -3.56
N PHE A 1036 8.20 -7.79 -2.33
CA PHE A 1036 7.36 -8.39 -1.32
C PHE A 1036 5.90 -8.25 -1.71
N SER A 1037 5.50 -7.04 -2.11
CA SER A 1037 4.11 -6.85 -2.47
C SER A 1037 3.73 -7.73 -3.64
N TYR A 1038 4.70 -8.04 -4.49
CA TYR A 1038 4.43 -8.94 -5.60
C TYR A 1038 4.18 -10.34 -5.08
N LEU A 1039 5.05 -10.81 -4.18
CA LEU A 1039 5.05 -12.22 -3.81
C LEU A 1039 3.76 -12.63 -3.13
N VAL A 1040 3.24 -11.79 -2.24
CA VAL A 1040 2.06 -12.21 -1.47
C VAL A 1040 0.94 -12.58 -2.41
N ASP A 1041 0.57 -11.69 -3.31
CA ASP A 1041 -0.59 -12.00 -4.12
C ASP A 1041 -0.30 -13.10 -5.13
N GLN A 1042 0.97 -13.31 -5.50
CA GLN A 1042 1.27 -14.46 -6.33
C GLN A 1042 1.07 -15.74 -5.53
N TRP A 1043 1.58 -15.75 -4.30
CA TRP A 1043 1.39 -16.93 -3.46
C TRP A 1043 -0.09 -17.22 -3.29
N ARG A 1044 -0.89 -16.20 -3.01
CA ARG A 1044 -2.32 -16.43 -2.86
C ARG A 1044 -2.95 -16.85 -4.17
N TRP A 1045 -2.59 -16.21 -5.28
CA TRP A 1045 -3.21 -16.56 -6.55
C TRP A 1045 -3.06 -18.05 -6.82
N ARG A 1046 -1.83 -18.55 -6.71
CA ARG A 1046 -1.62 -19.96 -6.98
C ARG A 1046 -2.23 -20.85 -5.91
N VAL A 1047 -2.43 -20.35 -4.69
CA VAL A 1047 -3.16 -21.12 -3.70
C VAL A 1047 -4.64 -21.14 -4.03
N PHE A 1048 -5.18 -20.01 -4.45
CA PHE A 1048 -6.56 -20.03 -4.90
C PHE A 1048 -6.69 -20.89 -6.14
N ASP A 1049 -5.62 -20.96 -6.95
CA ASP A 1049 -5.61 -21.79 -8.14
C ASP A 1049 -5.67 -23.28 -7.83
N GLY A 1050 -5.60 -23.66 -6.55
CA GLY A 1050 -5.55 -25.05 -6.21
C GLY A 1050 -4.26 -25.73 -6.59
N SER A 1051 -3.35 -25.01 -7.25
CA SER A 1051 -2.09 -25.60 -7.65
C SER A 1051 -1.15 -25.77 -6.47
N ILE A 1052 -1.40 -25.08 -5.36
CA ILE A 1052 -0.58 -25.13 -4.16
C ILE A 1052 -1.47 -25.59 -3.03
N THR A 1053 -0.98 -26.55 -2.24
CA THR A 1053 -1.76 -27.03 -1.11
C THR A 1053 -1.01 -26.87 0.20
N LYS A 1054 -1.77 -27.07 1.28
CA LYS A 1054 -1.24 -26.88 2.63
C LYS A 1054 0.01 -27.72 2.85
N GLU A 1055 0.05 -28.91 2.27
CA GLU A 1055 1.17 -29.82 2.50
C GLU A 1055 2.49 -29.18 2.14
N ASN A 1056 2.47 -28.15 1.31
CA ASN A 1056 3.68 -27.45 0.93
C ASN A 1056 3.54 -25.92 1.00
N TYR A 1057 2.50 -25.42 1.68
CA TYR A 1057 2.35 -23.96 1.78
C TYR A 1057 3.69 -23.33 2.11
N ASN A 1058 4.34 -23.85 3.13
CA ASN A 1058 5.56 -23.25 3.59
C ASN A 1058 6.64 -23.29 2.52
N GLN A 1059 6.77 -24.41 1.80
CA GLN A 1059 7.78 -24.45 0.74
C GLN A 1059 7.46 -23.49 -0.39
N GLU A 1060 6.20 -23.35 -0.76
CA GLU A 1060 5.91 -22.41 -1.85
C GLU A 1060 6.18 -21.00 -1.39
N TRP A 1061 5.86 -20.69 -0.14
CA TRP A 1061 6.10 -19.35 0.37
C TRP A 1061 7.57 -19.01 0.33
N TRP A 1062 8.39 -19.84 0.97
CA TRP A 1062 9.82 -19.54 1.00
C TRP A 1062 10.45 -19.64 -0.37
N SER A 1063 10.00 -20.58 -1.19
CA SER A 1063 10.56 -20.66 -2.53
C SER A 1063 10.32 -19.35 -3.26
N LEU A 1064 9.12 -18.78 -3.08
CA LEU A 1064 8.88 -17.47 -3.67
C LEU A 1064 9.67 -16.41 -2.92
N ARG A 1065 9.82 -16.55 -1.61
CA ARG A 1065 10.66 -15.59 -0.89
C ARG A 1065 12.07 -15.58 -1.46
N LEU A 1066 12.57 -16.73 -1.87
CA LEU A 1066 13.89 -16.79 -2.50
C LEU A 1066 13.88 -16.16 -3.87
N LYS A 1067 13.01 -16.64 -4.75
CA LYS A 1067 13.01 -16.19 -6.13
C LYS A 1067 12.78 -14.70 -6.27
N TYR A 1068 11.88 -14.13 -5.48
CA TYR A 1068 11.53 -12.73 -5.64
C TYR A 1068 12.25 -11.77 -4.71
N GLN A 1069 12.47 -12.12 -3.45
CA GLN A 1069 13.19 -11.22 -2.55
C GLN A 1069 14.62 -11.64 -2.28
N GLY A 1070 15.06 -12.81 -2.75
CA GLY A 1070 16.41 -13.19 -2.45
C GLY A 1070 16.55 -13.42 -0.96
N LEU A 1071 15.59 -14.12 -0.36
CA LEU A 1071 15.59 -14.40 1.06
C LEU A 1071 15.46 -15.90 1.31
N CYS A 1072 15.99 -16.31 2.46
CA CYS A 1072 15.78 -17.64 2.99
C CYS A 1072 15.51 -17.48 4.48
N PRO A 1073 14.75 -18.39 5.07
CA PRO A 1073 14.42 -18.24 6.48
C PRO A 1073 15.64 -18.41 7.35
N PRO A 1074 15.65 -17.81 8.54
CA PRO A 1074 16.83 -17.94 9.40
C PRO A 1074 17.05 -19.34 9.93
N VAL A 1075 16.02 -20.17 10.01
CA VAL A 1075 16.19 -21.53 10.52
C VAL A 1075 15.24 -22.49 9.82
N PRO A 1076 15.57 -23.78 9.74
CA PRO A 1076 14.70 -24.74 9.07
C PRO A 1076 13.34 -24.86 9.73
N ARG A 1077 12.34 -25.17 8.90
CA ARG A 1077 10.95 -25.23 9.33
C ARG A 1077 10.27 -26.42 8.68
N THR A 1078 9.47 -27.14 9.46
CA THR A 1078 8.71 -28.28 8.98
C THR A 1078 7.22 -28.03 9.18
N GLN A 1079 6.42 -28.96 8.67
CA GLN A 1079 4.97 -28.80 8.75
C GLN A 1079 4.50 -28.70 10.19
N GLY A 1080 3.36 -28.04 10.35
CA GLY A 1080 2.81 -27.64 11.62
C GLY A 1080 2.95 -26.16 11.80
N ASP A 1081 3.80 -25.57 10.97
CA ASP A 1081 4.03 -24.14 10.87
C ASP A 1081 3.39 -23.64 9.59
N PHE A 1082 3.00 -22.37 9.58
CA PHE A 1082 2.31 -21.81 8.43
C PHE A 1082 2.65 -20.32 8.39
N ASP A 1083 3.90 -20.05 8.09
CA ASP A 1083 4.47 -18.71 8.17
C ASP A 1083 3.63 -17.59 7.57
N PRO A 1084 2.88 -17.81 6.50
CA PRO A 1084 2.12 -16.68 5.93
C PRO A 1084 1.15 -16.07 6.90
N GLY A 1085 0.69 -16.83 7.89
CA GLY A 1085 -0.20 -16.26 8.87
C GLY A 1085 0.38 -15.07 9.57
N ALA A 1086 1.68 -14.83 9.43
CA ALA A 1086 2.34 -13.74 10.11
C ALA A 1086 2.07 -12.38 9.50
N LYS A 1087 1.47 -12.28 8.32
CA LYS A 1087 1.26 -10.98 7.69
C LYS A 1087 -0.22 -10.64 7.65
N PHE A 1088 -0.60 -9.57 8.36
CA PHE A 1088 -1.98 -9.13 8.52
C PHE A 1088 -2.87 -9.32 7.30
N HIS A 1089 -2.44 -8.80 6.15
CA HIS A 1089 -3.30 -8.81 4.98
C HIS A 1089 -3.70 -10.21 4.51
N ILE A 1090 -3.06 -11.25 4.99
CA ILE A 1090 -3.46 -12.60 4.60
C ILE A 1090 -4.66 -13.01 5.45
N PRO A 1091 -4.53 -13.17 6.77
CA PRO A 1091 -5.70 -13.58 7.56
C PRO A 1091 -6.82 -12.57 7.50
N SER A 1092 -6.52 -11.30 7.21
CA SER A 1092 -7.58 -10.32 7.00
C SER A 1092 -8.11 -10.33 5.57
N SER A 1093 -7.56 -11.20 4.72
CA SER A 1093 -8.06 -11.40 3.37
C SER A 1093 -8.17 -10.08 2.60
N VAL A 1094 -7.08 -9.33 2.56
CA VAL A 1094 -6.99 -8.09 1.81
C VAL A 1094 -5.91 -8.23 0.76
N PRO A 1095 -6.17 -7.86 -0.50
CA PRO A 1095 -5.14 -7.97 -1.54
C PRO A 1095 -3.98 -7.01 -1.33
N TYR A 1096 -2.85 -7.34 -1.96
CA TYR A 1096 -1.67 -6.48 -1.99
C TYR A 1096 -1.20 -6.00 -3.35
N ILE A 1097 -1.50 -6.70 -4.44
CA ILE A 1097 -0.84 -6.33 -5.68
C ILE A 1097 -1.13 -4.88 -6.04
N ARG A 1098 -2.19 -4.29 -5.51
CA ARG A 1098 -2.43 -2.88 -5.79
C ARG A 1098 -1.23 -2.04 -5.42
N TYR A 1099 -0.60 -2.35 -4.30
CA TYR A 1099 0.53 -1.55 -3.86
C TYR A 1099 1.66 -1.64 -4.86
N PHE A 1100 1.87 -2.83 -5.43
CA PHE A 1100 2.87 -2.95 -6.47
C PHE A 1100 2.54 -2.01 -7.61
N VAL A 1101 1.28 -2.03 -8.06
CA VAL A 1101 0.90 -1.11 -9.13
C VAL A 1101 1.17 0.31 -8.70
N SER A 1102 0.88 0.63 -7.44
CA SER A 1102 1.09 2.01 -6.98
C SER A 1102 2.56 2.41 -7.04
N PHE A 1103 3.46 1.51 -6.66
CA PHE A 1103 4.86 1.86 -6.65
C PHE A 1103 5.51 1.81 -8.03
N ILE A 1104 4.82 1.29 -9.05
CA ILE A 1104 5.31 1.41 -10.42
C ILE A 1104 4.75 2.66 -11.06
N ILE A 1105 3.42 2.73 -11.22
CA ILE A 1105 2.86 3.79 -12.04
C ILE A 1105 3.08 5.16 -11.45
N GLN A 1106 3.33 5.28 -10.15
CA GLN A 1106 3.54 6.62 -9.61
C GLN A 1106 4.73 7.29 -10.28
N PHE A 1107 5.72 6.50 -10.71
CA PHE A 1107 6.84 7.12 -11.41
C PHE A 1107 6.47 7.52 -12.83
N GLN A 1108 5.60 6.79 -13.52
CA GLN A 1108 5.19 7.29 -14.82
C GLN A 1108 4.54 8.64 -14.69
N PHE A 1109 3.64 8.81 -13.72
CA PHE A 1109 3.00 10.11 -13.56
C PHE A 1109 4.04 11.17 -13.28
N HIS A 1110 4.97 10.88 -12.37
CA HIS A 1110 5.97 11.90 -12.05
C HIS A 1110 6.74 12.31 -13.29
N GLU A 1111 7.08 11.34 -14.14
CA GLU A 1111 7.74 11.70 -15.39
C GLU A 1111 6.82 12.56 -16.24
N ALA A 1112 5.55 12.16 -16.34
CA ALA A 1112 4.61 12.90 -17.18
C ALA A 1112 4.46 14.34 -16.70
N LEU A 1113 4.32 14.54 -15.39
CA LEU A 1113 4.17 15.91 -14.90
C LEU A 1113 5.44 16.70 -15.15
N CYS A 1114 6.60 16.09 -14.91
CA CYS A 1114 7.86 16.79 -15.13
C CYS A 1114 8.06 17.06 -16.61
N GLN A 1115 7.74 16.09 -17.46
CA GLN A 1115 7.81 16.31 -18.90
C GLN A 1115 6.90 17.47 -19.30
N ALA A 1116 5.65 17.43 -18.84
CA ALA A 1116 4.72 18.50 -19.16
C ALA A 1116 5.12 19.80 -18.50
N ALA A 1117 5.60 19.75 -17.26
CA ALA A 1117 6.06 20.96 -16.61
C ALA A 1117 7.31 21.52 -17.24
N GLY A 1118 7.90 20.81 -18.20
CA GLY A 1118 9.06 21.29 -18.93
C GLY A 1118 10.39 21.02 -18.26
N HIS A 1119 10.39 20.41 -17.07
CA HIS A 1119 11.64 20.18 -16.36
C HIS A 1119 12.55 19.26 -17.15
N THR A 1120 13.83 19.56 -17.13
CA THR A 1120 14.86 18.75 -17.78
C THR A 1120 15.94 18.41 -16.78
N GLY A 1121 16.73 17.39 -17.11
CA GLY A 1121 17.82 16.97 -16.26
C GLY A 1121 17.44 15.84 -15.32
N PRO A 1122 18.22 15.63 -14.26
CA PRO A 1122 17.92 14.55 -13.32
C PRO A 1122 16.48 14.64 -12.85
N LEU A 1123 15.75 13.53 -12.98
CA LEU A 1123 14.32 13.59 -12.76
C LEU A 1123 13.97 13.90 -11.31
N HIS A 1124 14.80 13.50 -10.35
CA HIS A 1124 14.48 13.76 -8.96
C HIS A 1124 14.57 15.22 -8.57
N LYS A 1125 15.15 16.07 -9.40
CA LYS A 1125 15.20 17.49 -9.10
C LYS A 1125 13.97 18.23 -9.60
N CYS A 1126 13.02 17.51 -10.20
CA CYS A 1126 11.81 18.13 -10.73
C CYS A 1126 10.88 18.55 -9.61
N ASP A 1127 10.24 19.70 -9.78
CA ASP A 1127 9.30 20.20 -8.78
C ASP A 1127 8.05 20.71 -9.47
N ILE A 1128 6.95 19.99 -9.26
CA ILE A 1128 5.66 20.30 -9.85
C ILE A 1128 5.23 21.73 -9.62
N TYR A 1129 5.72 22.35 -8.54
CA TYR A 1129 5.12 23.54 -7.98
C TYR A 1129 4.63 24.55 -9.01
N GLN A 1130 3.39 24.98 -8.83
CA GLN A 1130 2.74 26.04 -9.61
C GLN A 1130 2.58 25.72 -11.09
N SER A 1131 2.91 24.52 -11.55
CA SER A 1131 2.78 24.20 -12.97
C SER A 1131 1.30 24.18 -13.34
N LYS A 1132 0.82 25.29 -13.88
CA LYS A 1132 -0.60 25.38 -14.23
C LYS A 1132 -1.02 24.33 -15.25
N GLU A 1133 -0.12 23.91 -16.13
CA GLU A 1133 -0.52 22.87 -17.06
C GLU A 1133 -0.44 21.50 -16.42
N ALA A 1134 0.61 21.23 -15.65
CA ALA A 1134 0.77 19.89 -15.10
C ALA A 1134 -0.44 19.49 -14.29
N GLY A 1135 -0.94 20.39 -13.45
CA GLY A 1135 -2.10 20.03 -12.65
C GLY A 1135 -3.27 19.66 -13.51
N GLN A 1136 -3.58 20.50 -14.49
CA GLN A 1136 -4.67 20.16 -15.39
C GLN A 1136 -4.43 18.82 -16.07
N ARG A 1137 -3.17 18.48 -16.35
CA ARG A 1137 -2.93 17.19 -16.95
C ARG A 1137 -3.47 16.07 -16.07
N LEU A 1138 -3.23 16.14 -14.76
CA LEU A 1138 -3.81 15.13 -13.88
C LEU A 1138 -5.32 15.31 -13.77
N ALA A 1139 -5.78 16.55 -13.66
CA ALA A 1139 -7.19 16.80 -13.39
C ALA A 1139 -8.07 16.06 -14.38
N THR A 1140 -7.82 16.27 -15.67
CA THR A 1140 -8.64 15.61 -16.67
C THR A 1140 -8.59 14.11 -16.49
N ALA A 1141 -7.46 13.59 -15.99
CA ALA A 1141 -7.38 12.15 -15.75
C ALA A 1141 -8.24 11.74 -14.57
N MET A 1142 -8.13 12.47 -13.46
CA MET A 1142 -8.84 12.07 -12.25
C MET A 1142 -10.35 12.04 -12.46
N LYS A 1143 -10.89 13.02 -13.16
CA LYS A 1143 -12.35 13.09 -13.29
C LYS A 1143 -12.94 11.82 -13.90
N LEU A 1144 -12.15 10.99 -14.58
CA LEU A 1144 -12.73 9.77 -15.11
C LEU A 1144 -13.06 8.78 -14.03
N GLY A 1145 -12.54 8.95 -12.84
CA GLY A 1145 -12.84 8.01 -11.78
C GLY A 1145 -12.62 6.58 -12.20
N PHE A 1146 -13.63 5.74 -11.99
CA PHE A 1146 -13.58 4.33 -12.33
C PHE A 1146 -14.45 4.00 -13.55
N SER A 1147 -14.90 5.01 -14.30
CA SER A 1147 -15.77 4.74 -15.43
C SER A 1147 -15.05 4.13 -16.62
N ARG A 1148 -13.73 4.14 -16.64
CA ARG A 1148 -13.00 3.74 -17.83
C ARG A 1148 -11.94 2.70 -17.48
N PRO A 1149 -11.57 1.85 -18.44
CA PRO A 1149 -10.41 0.99 -18.22
C PRO A 1149 -9.22 1.88 -17.92
N TRP A 1150 -8.45 1.51 -16.92
CA TRP A 1150 -7.37 2.40 -16.53
C TRP A 1150 -6.44 2.75 -17.69
N PRO A 1151 -6.34 1.96 -18.75
CA PRO A 1151 -5.48 2.40 -19.86
C PRO A 1151 -5.84 3.76 -20.43
N GLU A 1152 -7.11 4.17 -20.43
CA GLU A 1152 -7.43 5.48 -21.00
C GLU A 1152 -6.80 6.58 -20.15
N ALA A 1153 -7.02 6.52 -18.84
CA ALA A 1153 -6.44 7.53 -17.97
C ALA A 1153 -4.92 7.48 -18.02
N MET A 1154 -4.36 6.26 -17.99
CA MET A 1154 -2.91 6.14 -18.04
C MET A 1154 -2.36 6.83 -19.28
N GLN A 1155 -3.01 6.66 -20.43
CA GLN A 1155 -2.57 7.37 -21.62
C GLN A 1155 -2.78 8.86 -21.46
N LEU A 1156 -3.97 9.25 -21.01
CA LEU A 1156 -4.29 10.66 -20.91
C LEU A 1156 -3.25 11.38 -20.07
N ILE A 1157 -2.70 10.70 -19.07
CA ILE A 1157 -1.65 11.28 -18.25
C ILE A 1157 -0.30 11.24 -18.96
N THR A 1158 0.18 10.03 -19.27
CA THR A 1158 1.58 9.85 -19.64
C THR A 1158 1.87 9.80 -21.13
N GLY A 1159 0.88 9.48 -21.97
CA GLY A 1159 1.14 9.27 -23.36
C GLY A 1159 1.35 7.81 -23.77
N GLN A 1160 1.16 6.87 -22.85
CA GLN A 1160 1.27 5.44 -23.12
C GLN A 1160 0.04 4.75 -22.57
N PRO A 1161 -0.38 3.63 -23.15
CA PRO A 1161 -1.52 2.91 -22.58
C PRO A 1161 -1.10 1.73 -21.72
N ASN A 1162 0.18 1.42 -21.66
CA ASN A 1162 0.66 0.32 -20.85
C ASN A 1162 1.44 0.83 -19.64
N MET A 1163 1.52 -0.02 -18.63
CA MET A 1163 2.38 0.26 -17.50
C MET A 1163 3.82 0.02 -17.94
N SER A 1164 4.72 0.93 -17.58
CA SER A 1164 6.11 0.81 -17.98
C SER A 1164 7.01 1.07 -16.79
N ALA A 1165 7.96 0.18 -16.56
CA ALA A 1165 8.89 0.38 -15.48
C ALA A 1165 9.96 1.39 -15.83
N SER A 1166 10.13 1.68 -17.12
CA SER A 1166 11.25 2.50 -17.57
C SER A 1166 11.29 3.83 -16.83
N ALA A 1167 10.14 4.41 -16.54
CA ALA A 1167 10.14 5.67 -15.80
C ALA A 1167 10.87 5.49 -14.48
N MET A 1168 10.59 4.39 -13.79
CA MET A 1168 11.23 4.17 -12.49
C MET A 1168 12.73 3.98 -12.64
N LEU A 1169 13.17 3.17 -13.61
CA LEU A 1169 14.60 2.95 -13.76
C LEU A 1169 15.34 4.24 -14.04
N SER A 1170 14.75 5.14 -14.81
CA SER A 1170 15.40 6.41 -15.07
C SER A 1170 15.45 7.24 -13.80
N TYR A 1171 14.37 7.25 -13.04
CA TYR A 1171 14.33 8.05 -11.82
C TYR A 1171 15.46 7.66 -10.88
N PHE A 1172 15.67 6.37 -10.67
CA PHE A 1172 16.74 5.93 -9.80
C PHE A 1172 18.07 5.81 -10.51
N LYS A 1173 18.13 6.15 -11.80
CA LYS A 1173 19.37 5.95 -12.56
C LYS A 1173 20.62 6.38 -11.81
N PRO A 1174 20.69 7.56 -11.22
CA PRO A 1174 21.92 7.92 -10.51
C PRO A 1174 22.23 6.98 -9.36
N LEU A 1175 21.22 6.59 -8.59
CA LEU A 1175 21.50 5.69 -7.47
C LEU A 1175 21.99 4.35 -7.98
N LEU A 1176 21.42 3.86 -9.07
CA LEU A 1176 21.91 2.62 -9.65
C LEU A 1176 23.41 2.71 -9.89
N ASP A 1177 23.84 3.78 -10.58
CA ASP A 1177 25.25 3.93 -10.90
C ASP A 1177 26.10 3.91 -9.65
N TRP A 1178 25.73 4.70 -8.64
CA TRP A 1178 26.56 4.75 -7.45
C TRP A 1178 26.57 3.40 -6.76
N LEU A 1179 25.41 2.77 -6.64
CA LEU A 1179 25.36 1.46 -5.99
C LEU A 1179 26.10 0.44 -6.83
N ARG A 1180 25.85 0.45 -8.14
CA ARG A 1180 26.55 -0.48 -9.01
C ARG A 1180 28.06 -0.28 -8.88
N THR A 1181 28.50 0.97 -8.90
CA THR A 1181 29.91 1.26 -8.71
C THR A 1181 30.42 0.68 -7.39
N GLU A 1182 29.69 0.90 -6.30
CA GLU A 1182 30.11 0.39 -5.01
C GLU A 1182 30.35 -1.10 -5.07
N ASN A 1183 29.53 -1.83 -5.83
CA ASN A 1183 29.71 -3.26 -5.93
C ASN A 1183 31.10 -3.60 -6.46
N GLU A 1184 31.58 -2.82 -7.42
CA GLU A 1184 32.93 -3.03 -7.93
C GLU A 1184 33.98 -2.72 -6.88
N LEU A 1185 33.83 -1.61 -6.15
CA LEU A 1185 34.85 -1.27 -5.15
C LEU A 1185 35.00 -2.40 -4.15
N HIS A 1186 33.91 -3.03 -3.78
CA HIS A 1186 33.94 -4.19 -2.90
C HIS A 1186 33.91 -5.49 -3.68
N GLY A 1187 33.85 -5.43 -5.00
CA GLY A 1187 33.85 -6.65 -5.79
C GLY A 1187 32.64 -7.51 -5.54
N GLU A 1188 31.54 -6.91 -5.09
CA GLU A 1188 30.38 -7.67 -4.67
C GLU A 1188 29.75 -8.38 -5.87
N LYS A 1189 29.40 -9.66 -5.68
CA LYS A 1189 28.78 -10.47 -6.72
C LYS A 1189 27.27 -10.44 -6.57
N LEU A 1190 26.59 -10.04 -7.64
CA LEU A 1190 25.14 -9.94 -7.66
C LEU A 1190 24.49 -11.31 -7.74
N GLY A 1191 23.29 -11.42 -7.16
CA GLY A 1191 22.49 -12.61 -7.24
C GLY A 1191 22.63 -13.55 -6.06
N TRP A 1192 21.96 -14.71 -6.18
CA TRP A 1192 21.96 -15.72 -5.13
C TRP A 1192 21.88 -17.13 -5.71
N PRO A 1193 22.87 -17.55 -6.49
CA PRO A 1193 22.79 -18.91 -7.05
C PRO A 1193 22.97 -19.97 -6.00
N GLN A 1194 23.72 -19.68 -4.95
CA GLN A 1194 24.00 -20.63 -3.88
C GLN A 1194 22.85 -20.54 -2.87
N TYR A 1195 21.77 -21.28 -3.18
CA TYR A 1195 20.51 -21.12 -2.47
C TYR A 1195 20.59 -21.45 -0.98
N ASN A 1196 21.35 -22.45 -0.58
CA ASN A 1196 21.21 -22.97 0.78
C ASN A 1196 22.38 -22.59 1.70
N TRP A 1197 22.23 -21.44 2.37
CA TRP A 1197 23.08 -21.03 3.49
C TRP A 1197 22.19 -20.30 4.49
N THR A 1198 22.55 -20.38 5.77
CA THR A 1198 21.83 -19.68 6.81
C THR A 1198 22.81 -19.41 7.94
N PRO A 1199 22.50 -18.46 8.82
CA PRO A 1199 23.48 -18.05 9.83
C PRO A 1199 23.87 -19.21 10.74
N ASN A 1200 25.16 -19.27 11.06
CA ASN A 1200 25.71 -20.39 11.80
C ASN A 1200 25.32 -20.34 13.26
N SER A 1201 25.08 -21.51 13.85
CA SER A 1201 24.81 -21.63 15.27
C SER A 1201 26.06 -22.14 15.97
C1 NAG B . -18.55 9.94 21.74
C2 NAG B . -18.80 11.34 22.18
C3 NAG B . -19.55 11.28 23.49
C4 NAG B . -20.89 10.62 23.25
C5 NAG B . -20.72 9.26 22.57
C6 NAG B . -22.02 8.76 21.99
C7 NAG B . -17.47 13.34 21.80
C8 NAG B . -16.18 14.04 22.06
N2 NAG B . -17.60 12.12 22.32
O3 NAG B . -19.72 12.59 24.01
O4 NAG B . -21.50 10.38 24.51
O5 NAG B . -19.79 9.30 21.47
O6 NAG B . -22.41 9.58 20.88
O7 NAG B . -18.36 13.86 21.15
H1 NAG B . -18.10 9.45 22.46
H2 NAG B . -19.39 11.77 21.52
H3 NAG B . -19.03 10.75 24.14
H4 NAG B . -21.46 11.20 22.70
H5 NAG B . -20.40 8.61 23.22
H61 NAG B . -21.90 7.84 21.67
H62 NAG B . -22.71 8.80 22.66
H81 NAG B . -15.51 13.39 22.35
H82 NAG B . -15.87 14.49 21.25
H83 NAG B . -16.30 14.71 22.77
HN2 NAG B . -16.90 11.78 22.82
HO3 NAG B . -18.96 12.87 24.38
HO6 NAG B . -21.72 9.70 20.34
C1 NAG B . -22.71 11.09 24.75
C2 NAG B . -23.53 10.19 25.69
C3 NAG B . -24.74 10.92 26.28
C4 NAG B . -24.32 12.24 26.90
C5 NAG B . -23.64 13.07 25.83
C6 NAG B . -23.15 14.41 26.34
C7 NAG B . -23.27 7.85 25.02
C8 NAG B . -23.85 6.72 24.23
N2 NAG B . -23.97 9.00 24.99
O3 NAG B . -25.35 10.07 27.25
O4 NAG B . -25.43 12.99 27.39
O5 NAG B . -22.48 12.37 25.35
O6 NAG B . -22.45 15.11 25.32
O7 NAG B . -22.24 7.74 25.67
H1 NAG B . -23.20 11.21 23.92
H2 NAG B . -22.96 9.93 26.43
H3 NAG B . -25.39 11.10 25.57
H4 NAG B . -23.69 12.08 27.63
H5 NAG B . -24.26 13.22 25.09
H61 NAG B . -23.92 14.94 26.62
H62 NAG B . -22.56 14.27 27.11
H81 NAG B . -23.17 6.03 24.12
H82 NAG B . -24.62 6.36 24.69
H83 NAG B . -24.11 7.04 23.34
HN2 NAG B . -24.73 9.03 24.48
HO3 NAG B . -25.13 9.23 27.09
HO6 NAG B . -22.07 14.53 24.77
C1 BMA B . -26.15 12.30 28.44
C2 BMA B . -26.71 13.34 29.40
C3 BMA B . -27.67 12.69 30.38
C4 BMA B . -28.72 11.85 29.65
C5 BMA B . -28.04 10.84 28.70
C6 BMA B . -29.01 10.11 27.82
O2 BMA B . -27.44 14.34 28.70
O3 BMA B . -28.32 13.66 31.20
O4 BMA B . -29.49 11.12 30.60
O5 BMA B . -27.17 11.56 27.83
O6 BMA B . -29.33 10.96 26.71
H1 BMA B . -25.47 11.61 28.98
H2 BMA B . -25.86 13.80 29.95
H3 BMA B . -27.12 12.03 31.07
H4 BMA B . -29.35 12.52 29.04
H5 BMA B . -27.46 10.10 29.28
H61 BMA B . -29.91 9.87 28.41
H62 BMA B . -28.54 9.17 27.49
HO2 BMA B . -26.89 14.59 27.94
HO3 BMA B . -28.52 14.41 30.60
HO4 BMA B . -29.92 11.79 31.16
C1 MAN B . -30.24 10.28 25.82
C2 MAN B . -29.94 10.77 24.37
C3 MAN B . -30.44 12.19 24.15
C4 MAN B . -31.89 12.35 24.63
C5 MAN B . -32.02 11.89 26.09
C6 MAN B . -33.46 11.94 26.60
O2 MAN B . -30.63 9.98 23.40
O3 MAN B . -30.36 12.56 22.78
O4 MAN B . -32.29 13.71 24.53
O5 MAN B . -31.59 10.52 26.21
O6 MAN B . -33.45 11.57 27.97
H1 MAN B . -30.12 9.19 25.90
H2 MAN B . -28.86 10.73 24.19
H3 MAN B . -29.81 12.89 24.71
H4 MAN B . -32.53 11.70 24.01
H5 MAN B . -31.41 12.53 26.73
H61 MAN B . -34.07 11.25 25.99
H62 MAN B . -33.83 12.96 26.45
HO2 MAN B . -30.65 10.45 22.55
HO3 MAN B . -29.42 12.72 22.61
HO4 MAN B . -32.06 13.97 23.62
HO6 MAN B . -34.38 11.55 28.27
C1 NAG C . -25.47 6.54 -20.29
C2 NAG C . -25.52 7.94 -20.98
C3 NAG C . -25.47 9.09 -19.96
C4 NAG C . -26.33 8.85 -18.73
C5 NAG C . -25.99 7.49 -18.17
C6 NAG C . -26.76 7.15 -16.91
C7 NAG C . -24.50 7.66 -23.19
C8 NAG C . -23.28 7.88 -24.03
N2 NAG C . -24.43 8.07 -21.93
O3 NAG C . -25.89 10.30 -20.59
O4 NAG C . -26.06 9.82 -17.72
O5 NAG C . -26.35 6.51 -19.16
O6 NAG C . -28.04 7.77 -16.91
O7 NAG C . -25.52 7.14 -23.65
H1 NAG C . -24.56 6.36 -19.99
H2 NAG C . -26.36 8.00 -21.46
H3 NAG C . -24.54 9.21 -19.66
H4 NAG C . -27.27 8.86 -18.98
H5 NAG C . -25.03 7.43 -18.00
H61 NAG C . -26.87 6.18 -16.85
H62 NAG C . -26.25 7.46 -16.14
H81 NAG C . -23.08 8.83 -24.06
H82 NAG C . -22.53 7.39 -23.63
H83 NAG C . -23.43 7.54 -24.93
HN2 NAG C . -23.65 8.45 -21.64
HO3 NAG C . -25.43 10.42 -21.34
HO6 NAG C . -28.65 7.20 -17.20
C1 NAG C . -26.87 11.01 -17.84
C2 NAG C . -27.21 11.50 -16.43
C3 NAG C . -27.99 12.81 -16.49
C4 NAG C . -27.21 13.83 -17.30
C5 NAG C . -26.95 13.27 -18.68
C6 NAG C . -26.14 14.19 -19.56
C7 NAG C . -27.41 9.65 -14.81
C8 NAG C . -28.35 8.70 -14.14
N2 NAG C . -27.96 10.50 -15.68
O3 NAG C . -28.23 13.30 -15.18
O4 NAG C . -27.93 15.05 -17.40
O5 NAG C . -26.19 12.05 -18.56
O6 NAG C . -25.56 13.49 -20.65
O7 NAG C . -26.20 9.67 -14.58
H1 NAG C . -27.70 10.81 -18.30
H2 NAG C . -26.37 11.67 -15.95
H3 NAG C . -28.85 12.65 -16.94
H4 NAG C . -26.36 14.01 -16.85
H5 NAG C . -27.80 13.08 -19.12
H61 NAG C . -26.72 14.90 -19.89
H62 NAG C . -25.42 14.60 -19.03
H81 NAG C . -27.88 7.87 -13.95
H82 NAG C . -28.66 9.09 -13.31
H83 NAG C . -29.11 8.52 -14.72
HN2 NAG C . -28.87 10.45 -15.82
HO3 NAG C . -28.80 12.76 -14.76
HO4 NAG C . -28.26 15.27 -16.61
HO6 NAG C . -25.63 12.62 -20.51
C1 NAG D . 11.78 -11.28 30.91
C2 NAG D . 11.76 -9.85 31.38
C3 NAG D . 12.35 -8.95 30.30
C4 NAG D . 13.75 -9.40 29.93
C5 NAG D . 13.78 -10.90 29.61
C6 NAG D . 15.19 -11.45 29.52
C7 NAG D . 9.87 -9.60 32.92
C8 NAG D . 8.47 -9.09 33.10
N2 NAG D . 10.41 -9.41 31.72
O3 NAG D . 12.38 -7.60 30.75
O4 NAG D . 14.21 -8.71 28.78
O5 NAG D . 13.12 -11.67 30.62
O6 NAG D . 15.91 -11.22 30.72
O7 NAG D . 10.48 -10.15 33.83
H1 NAG D . 11.24 -11.36 30.09
H2 NAG D . 12.33 -9.77 32.18
H3 NAG D . 11.78 -9.00 29.50
H4 NAG D . 14.34 -9.24 30.69
H5 NAG D . 13.33 -11.05 28.75
H61 NAG D . 15.14 -12.41 29.34
H62 NAG D . 15.66 -11.01 28.77
H81 NAG D . 8.36 -8.75 34.02
H82 NAG D . 7.84 -9.80 32.94
H83 NAG D . 8.31 -8.35 32.48
HN2 NAG D . 9.92 -9.00 31.08
HO3 NAG D . 11.55 -7.34 30.94
HO6 NAG D . 16.61 -11.78 30.75
C1 NAG D . 15.23 -7.73 29.08
C2 NAG D . 16.13 -7.53 27.87
C3 NAG D . 17.16 -6.45 28.15
C4 NAG D . 16.50 -5.17 28.64
C5 NAG D . 15.54 -5.45 29.79
C6 NAG D . 14.70 -4.26 30.17
C7 NAG D . 16.45 -9.47 26.40
C8 NAG D . 17.24 -10.73 26.17
N2 NAG D . 16.78 -8.77 27.49
O3 NAG D . 17.89 -6.17 26.96
O4 NAG D . 17.49 -4.24 29.07
O5 NAG D . 14.62 -6.50 29.44
O6 NAG D . 13.55 -4.65 30.91
O7 NAG D . 15.56 -9.11 25.64
H1 NAG D . 15.79 -8.03 29.83
H2 NAG D . 15.57 -7.23 27.13
H3 NAG D . 17.77 -6.76 28.83
H4 NAG D . 16.00 -4.77 27.90
H5 NAG D . 16.06 -5.74 30.56
H61 NAG D . 15.24 -3.65 30.73
H62 NAG D . 14.43 -3.79 29.36
H81 NAG D . 17.24 -11.27 26.98
H82 NAG D . 16.84 -11.23 25.44
H83 NAG D . 18.16 -10.50 25.93
HN2 NAG D . 17.46 -9.08 28.02
HO3 NAG D . 18.24 -6.93 26.65
HO4 NAG D . 18.10 -4.15 28.43
HO6 NAG D . 13.44 -5.53 30.84
CL CL E . -7.50 -5.66 -5.84
C1 NAG F . -32.23 -7.13 6.28
C2 NAG F . -33.68 -7.43 5.92
C3 NAG F . -34.40 -8.05 7.10
C4 NAG F . -33.66 -9.31 7.55
C5 NAG F . -32.22 -8.95 7.88
C6 NAG F . -31.40 -10.16 8.26
C7 NAG F . -35.22 -6.21 4.45
C8 NAG F . -35.84 -4.88 4.12
N2 NAG F . -34.36 -6.23 5.47
O3 NAG F . -35.74 -8.38 6.74
O4 NAG F . -34.30 -9.86 8.69
O5 NAG F . -31.58 -8.34 6.74
O6 NAG F . -32.07 -10.94 9.24
O7 NAG F . -35.50 -7.23 3.82
H1 NAG F . -32.23 -6.49 7.01
H2 NAG F . -33.68 -8.08 5.19
H3 NAG F . -34.41 -7.41 7.84
H4 NAG F . -33.68 -9.96 6.82
H5 NAG F . -32.21 -8.32 8.62
H61 NAG F . -31.24 -10.71 7.47
H62 NAG F . -30.54 -9.86 8.62
H81 NAG F . -36.50 -5.00 3.42
H82 NAG F . -36.27 -4.52 4.91
H83 NAG F . -35.14 -4.27 3.82
HN2 NAG F . -34.19 -5.45 5.91
HO3 NAG F . -36.09 -8.91 7.35
HO4 NAG F . -33.79 -10.51 9.04
HO6 NAG F . -31.47 -11.44 9.67
C1 NAG G . -16.40 26.07 12.56
C2 NAG G . -16.83 27.30 11.82
C3 NAG G . -16.51 28.51 12.67
C4 NAG G . -17.28 28.40 13.98
C5 NAG G . -16.99 27.08 14.68
C6 NAG G . -17.91 26.82 15.85
C7 NAG G . -16.67 26.87 9.41
C8 NAG G . -15.86 27.07 8.17
N2 NAG G . -16.16 27.39 10.53
O3 NAG G . -16.89 29.69 11.97
O4 NAG G . -16.91 29.47 14.85
O5 NAG G . -17.14 25.96 13.79
O6 NAG G . -17.58 25.62 16.53
O7 NAG G . -17.74 26.26 9.41
H1 NAG G . -15.45 26.17 12.80
H2 NAG G . -17.79 27.26 11.68
H3 NAG G . -15.56 28.54 12.86
H4 NAG G . -18.23 28.46 13.80
H5 NAG G . -16.07 27.10 15.01
H61 NAG G . -17.85 27.57 16.48
H62 NAG G . -18.83 26.74 15.52
H81 NAG G . -16.35 26.75 7.40
H82 NAG G . -15.66 28.02 8.06
H83 NAG G . -15.02 26.57 8.24
HN2 NAG G . -15.36 27.83 10.48
HO3 NAG G . -16.29 29.86 11.34
HO4 NAG G . -16.83 30.23 14.37
HO6 NAG G . -18.20 25.44 17.14
#